data_7G6N
#
_entry.id   7G6N
#
_cell.length_a   84.281
_cell.length_b   91.405
_cell.length_c   119.929
_cell.angle_alpha   90.000
_cell.angle_beta   90.000
_cell.angle_gamma   90.000
#
_symmetry.space_group_name_H-M   'P 21 21 21'
#
loop_
_entity.id
_entity.type
_entity.pdbx_description
1 polymer 'Isoform 2 of Ectonucleotide pyrophosphatase/phosphodiesterase family member 2'
2 branched alpha-D-mannopyranose-(1-2)-alpha-D-mannopyranose-(1-3)-alpha-D-mannopyranose-(1-6)-[alpha-D-mannopyranose-(1-2)-alpha-D-mannopyranose-(1-3)]beta-D-mannopyranose-(1-4)-2-acetamido-2-deoxy-beta-D-glucopyranose-(1-4)-2-acetamido-2-deoxy-beta-D-glucopyranose
3 non-polymer (5M)-5-{5-cyclopropyl-6-[(oxan-4-yl)oxy]pyridin-3-yl}-4-methyl-2,4-dihydro-3H-1,2,4-triazol-3-one
4 non-polymer 'ACETATE ION'
5 non-polymer 'CHLORIDE ION'
6 non-polymer 'ZINC ION'
7 non-polymer 'SODIUM ION'
8 non-polymer 'CALCIUM ION'
9 water water
#
_entity_poly.entity_id   1
_entity_poly.type   'polypeptide(L)'
_entity_poly.pdbx_seq_one_letter_code
;FTASRIKRAEWDEGPPTVLSDSPWTATSGSCKGRCFELQEVGPPDCRCDNLCKSYSSCCHDFDELCLKTARGWECTKDRC
GEVRNEENACHCSEDCLSRGDCCTNYQVVCKGESHWVDDDCEEIKVPECPAGFVRPPLIIFSVDGFRASYMKKGSKVMPN
IEKLRSCGTHAPYMRPVYPTKTFPNLYTLATGLYPESHGIVGNSMYDPVFDASFHLRGREKFNHRWWGGQPLWITATKQG
VRAGTFFWSVSIPHERRILTILQWLSLPDNERPSVYAFYSEQPDFSGHKYGPFGPEMTNPLREIDKTVGQLMDGLKQLRL
HRCVNVIFVGDHGMEDVTCDRTEFLSNYLTNVDDITLVPGTLGRIRAKSINNSKYDPKTIIAALTCKKPDQHFKPYMKQH
LPKRLHYANNRRIEDIHLLVDRRWHVARKPLDVYKKPSGKCFFQGDHGFDNKVNSMQTVFVGYGPTFKYRTKVPPFENIE
LYNVMCDLLGLKPAPNNGTHGSLNHLLRTNTFRPTMPDEVSRPNYPGIMYLQSEFDLGCTCDDKVEPKNKLEELNKRLHT
KGSTKERHLLYGRPAVLYRTSYDILYHTDFESGYSEIFLMPLWTSYTISKQAEVSSIPEHLTNCVRPDVRVSPGFSQNCL
AYKNDKQMSYGFLFPPYLSSSPEAKYDAFLVTNMVPMYPAFKRVWAYFQRVLVKKYASERNGVNVISGPIFDYNYDGLRD
TEDEIKQYVEGSSIPVPTHYYSIITSCLDFTQPADKCDGPLSVSSFILPHRPDNDESCNSSEDESKWVEELMKMHTARVR
DIEHLTGLDFYRKTSRSYSEILTLKTYLHTYESEIGGRHHHHHHHH
;
_entity_poly.pdbx_strand_id   A
#
loop_
_chem_comp.id
_chem_comp.type
_chem_comp.name
_chem_comp.formula
ACT non-polymer 'ACETATE ION' 'C2 H3 O2 -1'
BMA D-saccharide, beta linking beta-D-mannopyranose 'C6 H12 O6'
CA non-polymer 'CALCIUM ION' 'Ca 2'
CL non-polymer 'CHLORIDE ION' 'Cl -1'
MAN D-saccharide, alpha linking alpha-D-mannopyranose 'C6 H12 O6'
NA non-polymer 'SODIUM ION' 'Na 1'
NAG D-saccharide, beta linking 2-acetamido-2-deoxy-beta-D-glucopyranose 'C8 H15 N O6'
XWC non-polymer (5M)-5-{5-cyclopropyl-6-[(oxan-4-yl)oxy]pyridin-3-yl}-4-methyl-2,4-dihydro-3H-1,2,4-triazol-3-one 'C16 H20 N4 O3'
ZN non-polymer 'ZINC ION' 'Zn 2'
#
# COMPACT_ATOMS: atom_id res chain seq x y z
N TRP A 24 36.88 -8.12 15.93
CA TRP A 24 38.08 -8.84 15.38
C TRP A 24 37.72 -10.16 14.71
N THR A 25 38.28 -10.36 13.52
CA THR A 25 38.17 -11.62 12.78
C THR A 25 39.58 -12.20 12.58
N ALA A 26 39.74 -13.48 12.94
CA ALA A 26 40.98 -14.20 12.63
C ALA A 26 40.94 -14.64 11.17
N THR A 27 41.09 -13.65 10.26
CA THR A 27 40.90 -13.83 8.80
C THR A 27 41.94 -14.75 8.10
N SER A 28 42.60 -15.58 8.92
CA SER A 28 43.63 -16.54 8.47
C SER A 28 43.19 -18.02 8.33
N GLY A 29 41.89 -18.30 8.43
CA GLY A 29 41.32 -19.57 7.94
C GLY A 29 41.20 -19.52 6.42
N SER A 30 40.63 -20.57 5.82
CA SER A 30 40.56 -20.67 4.36
C SER A 30 39.14 -20.88 3.76
N CYS A 31 38.92 -20.34 2.56
CA CYS A 31 37.66 -20.54 1.86
C CYS A 31 37.66 -21.77 0.96
N LYS A 32 38.73 -22.56 1.00
CA LYS A 32 38.85 -23.75 0.14
C LYS A 32 37.68 -24.74 0.39
N GLY A 33 37.02 -25.17 -0.69
CA GLY A 33 35.75 -25.91 -0.60
C GLY A 33 34.52 -25.17 -0.01
N ARG A 34 34.70 -23.95 0.50
CA ARG A 34 33.64 -23.21 1.22
C ARG A 34 33.00 -22.04 0.44
N CYS A 35 33.30 -21.89 -0.85
CA CYS A 35 32.96 -20.63 -1.54
C CYS A 35 31.43 -20.44 -1.55
N PHE A 36 30.95 -19.29 -1.07
CA PHE A 36 29.50 -19.03 -1.01
C PHE A 36 28.72 -20.08 -0.20
N GLU A 37 29.35 -20.55 0.86
CA GLU A 37 28.69 -21.33 1.91
C GLU A 37 27.34 -20.72 2.39
N LEU A 38 26.41 -21.59 2.73
CA LEU A 38 25.03 -21.19 3.02
C LEU A 38 24.70 -20.81 4.47
N GLN A 39 25.45 -21.30 5.45
CA GLN A 39 25.25 -20.89 6.84
C GLN A 39 26.40 -19.99 7.22
N GLU A 40 26.09 -18.89 7.87
CA GLU A 40 27.10 -17.92 8.23
C GLU A 40 27.86 -18.43 9.46
N VAL A 41 29.18 -18.24 9.48
CA VAL A 41 29.98 -18.66 10.63
C VAL A 41 30.24 -17.50 11.61
N GLY A 42 30.32 -17.87 12.89
CA GLY A 42 30.41 -16.91 13.99
C GLY A 42 31.84 -16.45 14.22
N PRO A 43 32.08 -15.12 14.13
CA PRO A 43 33.40 -14.56 14.47
C PRO A 43 34.00 -15.11 15.79
N PRO A 44 35.34 -15.12 15.91
CA PRO A 44 36.30 -14.71 14.87
C PRO A 44 36.85 -15.88 14.01
N ASP A 45 35.95 -16.75 13.54
CA ASP A 45 36.26 -17.63 12.41
C ASP A 45 35.95 -16.82 11.15
N CYS A 46 36.79 -16.92 10.11
CA CYS A 46 36.59 -16.08 8.92
C CYS A 46 35.47 -16.59 8.03
N ARG A 47 34.83 -15.68 7.30
CA ARG A 47 33.62 -16.00 6.54
C ARG A 47 33.91 -16.17 5.04
N CYS A 48 33.11 -17.01 4.39
CA CYS A 48 33.16 -17.20 2.94
C CYS A 48 31.76 -17.08 2.27
N ASP A 49 30.80 -16.47 2.97
CA ASP A 49 29.43 -16.29 2.41
C ASP A 49 29.34 -14.99 1.57
N ASN A 50 28.23 -14.83 0.85
CA ASN A 50 28.09 -13.69 -0.08
C ASN A 50 28.03 -12.31 0.57
N LEU A 51 27.92 -12.26 1.89
CA LEU A 51 27.94 -10.99 2.63
C LEU A 51 29.25 -10.64 3.36
N CYS A 52 30.24 -11.54 3.36
CA CYS A 52 31.44 -11.35 4.19
C CYS A 52 32.20 -10.02 3.91
N LYS A 53 32.23 -9.58 2.65
CA LYS A 53 32.90 -8.33 2.27
C LYS A 53 32.37 -7.14 3.07
N SER A 54 31.05 -7.11 3.24
CA SER A 54 30.33 -6.02 3.89
C SER A 54 30.63 -5.91 5.38
N TYR A 55 31.33 -6.93 5.91
CA TYR A 55 31.72 -7.00 7.31
C TYR A 55 33.24 -7.00 7.51
N SER A 56 34.01 -6.79 6.44
CA SER A 56 35.49 -7.03 6.44
C SER A 56 35.85 -8.33 7.16
N SER A 57 35.22 -9.43 6.77
CA SER A 57 35.33 -10.67 7.54
C SER A 57 35.63 -11.89 6.68
N CYS A 58 35.82 -11.68 5.38
CA CYS A 58 36.17 -12.78 4.46
C CYS A 58 37.54 -13.32 4.82
N CYS A 59 37.77 -14.61 4.54
CA CYS A 59 39.11 -15.21 4.71
C CYS A 59 40.04 -14.60 3.69
N HIS A 60 41.33 -14.56 4.03
CA HIS A 60 42.40 -14.00 3.19
C HIS A 60 42.27 -14.39 1.71
N ASP A 61 41.79 -15.61 1.44
CA ASP A 61 41.78 -16.18 0.10
C ASP A 61 40.44 -16.15 -0.62
N PHE A 62 39.51 -15.35 -0.10
CA PHE A 62 38.17 -15.26 -0.70
C PHE A 62 38.21 -14.78 -2.15
N ASP A 63 38.91 -13.67 -2.44
CA ASP A 63 38.95 -13.17 -3.83
C ASP A 63 39.51 -14.19 -4.80
N GLU A 64 40.58 -14.84 -4.37
CA GLU A 64 41.31 -15.78 -5.22
C GLU A 64 40.45 -17.03 -5.55
N LEU A 65 39.87 -17.61 -4.51
CA LEU A 65 39.07 -18.84 -4.64
C LEU A 65 37.65 -18.58 -5.13
N CYS A 66 36.96 -17.62 -4.51
CA CYS A 66 35.53 -17.39 -4.73
C CYS A 66 35.17 -16.36 -5.78
N LEU A 67 36.07 -15.40 -6.05
CA LEU A 67 35.77 -14.33 -7.01
C LEU A 67 36.62 -14.40 -8.28
N LYS A 68 36.72 -15.59 -8.84
CA LYS A 68 37.50 -15.81 -10.06
C LYS A 68 36.96 -15.05 -11.24
N THR A 69 37.85 -14.45 -12.02
CA THR A 69 37.42 -13.66 -13.18
C THR A 69 38.09 -14.07 -14.50
N ALA A 70 39.10 -14.94 -14.40
CA ALA A 70 39.90 -15.28 -15.57
C ALA A 70 39.04 -15.73 -16.76
N ARG A 71 39.34 -15.13 -17.90
CA ARG A 71 38.74 -15.49 -19.19
C ARG A 71 37.32 -14.96 -19.37
N GLY A 72 36.82 -14.24 -18.36
CA GLY A 72 35.51 -13.58 -18.47
C GLY A 72 34.30 -14.49 -18.21
N TRP A 73 33.18 -14.18 -18.87
CA TRP A 73 31.91 -14.76 -18.47
C TRP A 73 31.23 -15.60 -19.52
N GLU A 74 31.85 -15.73 -20.69
CA GLU A 74 31.22 -16.42 -21.80
C GLU A 74 32.15 -17.44 -22.45
N CYS A 75 31.61 -18.61 -22.79
CA CYS A 75 32.30 -19.52 -23.67
C CYS A 75 32.42 -18.88 -25.05
N THR A 76 33.53 -19.20 -25.71
CA THR A 76 33.75 -18.83 -27.11
C THR A 76 34.04 -20.15 -27.83
N LYS A 77 33.95 -20.14 -29.17
CA LYS A 77 34.15 -21.33 -30.01
C LYS A 77 35.32 -22.21 -29.60
N ASP A 78 36.47 -21.58 -29.37
CA ASP A 78 37.72 -22.30 -29.10
C ASP A 78 37.90 -22.77 -27.64
N ARG A 79 36.95 -22.45 -26.76
CA ARG A 79 36.99 -22.92 -25.38
C ARG A 79 36.23 -24.25 -25.25
N CYS A 80 35.50 -24.62 -26.30
CA CYS A 80 34.65 -25.81 -26.25
C CYS A 80 35.47 -27.07 -26.10
N GLY A 81 35.08 -27.91 -25.15
CA GLY A 81 35.81 -29.14 -24.85
C GLY A 81 37.10 -28.99 -24.06
N GLU A 82 37.63 -27.76 -23.97
CA GLU A 82 38.85 -27.43 -23.20
C GLU A 82 39.12 -28.32 -21.97
N VAL A 83 40.37 -28.33 -21.54
CA VAL A 83 40.73 -28.99 -20.28
C VAL A 83 40.36 -28.07 -19.13
N ARG A 84 39.59 -28.61 -18.18
CA ARG A 84 39.26 -27.87 -16.97
C ARG A 84 40.48 -27.16 -16.36
N ASN A 85 40.54 -25.84 -16.57
CA ASN A 85 41.41 -24.96 -15.80
C ASN A 85 40.60 -24.33 -14.65
N GLU A 86 40.86 -24.76 -13.42
CA GLU A 86 40.11 -24.26 -12.26
C GLU A 86 40.20 -22.74 -12.01
N GLU A 87 41.19 -22.09 -12.63
CA GLU A 87 41.38 -20.62 -12.52
C GLU A 87 40.27 -19.80 -13.21
N ASN A 88 39.63 -20.40 -14.21
CA ASN A 88 38.61 -19.71 -15.01
C ASN A 88 37.37 -19.31 -14.23
N ALA A 89 36.74 -18.22 -14.65
CA ALA A 89 35.56 -17.70 -13.96
C ALA A 89 34.44 -18.68 -14.13
N CYS A 90 34.33 -19.25 -15.32
CA CYS A 90 33.36 -20.30 -15.56
C CYS A 90 33.95 -21.25 -16.58
N HIS A 91 33.27 -22.36 -16.86
CA HIS A 91 33.94 -23.44 -17.58
C HIS A 91 33.23 -23.85 -18.83
N CYS A 92 34.00 -24.36 -19.80
CA CYS A 92 33.47 -24.77 -21.08
C CYS A 92 33.89 -26.21 -21.41
N SER A 93 34.44 -26.87 -20.38
CA SER A 93 34.88 -28.25 -20.44
C SER A 93 33.69 -29.21 -20.45
N GLU A 94 33.96 -30.49 -20.69
CA GLU A 94 32.91 -31.50 -20.80
C GLU A 94 32.22 -31.80 -19.48
N ASP A 95 32.98 -31.77 -18.39
CA ASP A 95 32.44 -32.10 -17.09
C ASP A 95 31.66 -30.95 -16.45
N CYS A 96 31.54 -29.81 -17.14
CA CYS A 96 30.97 -28.61 -16.50
C CYS A 96 29.49 -28.78 -16.12
N LEU A 97 28.68 -29.30 -17.04
CA LEU A 97 27.27 -29.56 -16.71
C LEU A 97 27.10 -30.34 -15.39
N SER A 98 27.79 -31.47 -15.23
CA SER A 98 27.71 -32.28 -14.00
C SER A 98 28.36 -31.62 -12.78
N ARG A 99 29.33 -30.74 -13.01
CA ARG A 99 29.90 -29.90 -11.96
C ARG A 99 29.01 -28.71 -11.60
N GLY A 100 28.04 -28.38 -12.47
CA GLY A 100 27.14 -27.21 -12.28
C GLY A 100 27.78 -25.82 -12.45
N ASP A 101 28.89 -25.74 -13.17
CA ASP A 101 29.65 -24.49 -13.27
C ASP A 101 30.07 -24.08 -14.69
N CYS A 102 29.28 -24.45 -15.69
CA CYS A 102 29.47 -23.92 -17.05
C CYS A 102 29.18 -22.41 -17.12
N CYS A 103 29.83 -21.71 -18.05
CA CYS A 103 29.36 -20.38 -18.46
C CYS A 103 27.92 -20.54 -18.96
N THR A 104 27.11 -19.51 -18.75
CA THR A 104 25.67 -19.63 -19.01
C THR A 104 25.40 -19.84 -20.47
N ASN A 105 26.35 -19.51 -21.34
CA ASN A 105 26.13 -19.69 -22.78
C ASN A 105 26.81 -20.94 -23.37
N TYR A 106 27.39 -21.76 -22.50
CA TYR A 106 28.02 -23.04 -22.88
C TYR A 106 27.29 -23.83 -23.95
N GLN A 107 26.05 -24.24 -23.69
CA GLN A 107 25.31 -25.07 -24.63
C GLN A 107 24.98 -24.38 -25.93
N VAL A 108 24.93 -23.06 -25.89
CA VAL A 108 24.63 -22.29 -27.09
C VAL A 108 25.87 -22.27 -27.99
N VAL A 109 27.02 -21.95 -27.40
CA VAL A 109 28.28 -21.89 -28.14
C VAL A 109 28.76 -23.27 -28.58
N CYS A 110 28.82 -24.21 -27.64
CA CYS A 110 29.44 -25.52 -27.81
C CYS A 110 28.51 -26.71 -28.08
N LYS A 111 27.20 -26.52 -28.09
CA LYS A 111 26.31 -27.67 -28.28
C LYS A 111 25.21 -27.40 -29.27
N GLY A 112 25.36 -26.30 -30.02
CA GLY A 112 24.36 -25.84 -30.97
C GLY A 112 23.00 -25.48 -30.39
N GLU A 113 22.91 -25.23 -29.08
CA GLU A 113 21.61 -24.88 -28.45
C GLU A 113 21.19 -23.43 -28.72
N SER A 114 19.90 -23.13 -28.61
CA SER A 114 19.44 -21.74 -28.71
C SER A 114 19.36 -21.02 -27.35
N HIS A 115 19.53 -19.69 -27.37
CA HIS A 115 19.31 -18.84 -26.19
C HIS A 115 17.83 -18.93 -25.81
N TRP A 116 17.52 -18.87 -24.51
CA TRP A 116 16.13 -18.92 -24.05
C TRP A 116 15.25 -17.88 -24.75
N VAL A 117 15.75 -16.65 -24.93
CA VAL A 117 14.94 -15.59 -25.51
C VAL A 117 14.52 -15.87 -26.96
N ASP A 118 15.23 -16.75 -27.66
CA ASP A 118 14.91 -17.06 -29.06
C ASP A 118 13.89 -18.19 -29.27
N ASP A 119 13.55 -18.89 -28.20
CA ASP A 119 12.56 -19.95 -28.23
C ASP A 119 11.19 -19.33 -28.09
N ASP A 120 10.25 -19.85 -28.89
CA ASP A 120 8.83 -19.54 -28.75
C ASP A 120 8.43 -19.84 -27.32
N CYS A 121 7.55 -19.07 -26.72
CA CYS A 121 7.14 -19.55 -25.40
C CYS A 121 6.02 -20.54 -25.50
N GLU A 122 6.01 -21.47 -24.56
CA GLU A 122 5.04 -22.53 -24.57
C GLU A 122 4.54 -22.52 -23.17
N GLU A 123 3.22 -22.60 -23.02
CA GLU A 123 2.58 -22.64 -21.73
C GLU A 123 3.23 -23.69 -20.84
N ILE A 124 3.47 -23.34 -19.58
CA ILE A 124 3.98 -24.27 -18.58
C ILE A 124 2.79 -24.67 -17.72
N LYS A 125 2.14 -25.75 -18.15
CA LYS A 125 0.98 -26.26 -17.44
C LYS A 125 1.30 -26.95 -16.11
N VAL A 126 2.46 -27.60 -16.01
CA VAL A 126 2.85 -28.29 -14.79
C VAL A 126 4.35 -28.05 -14.59
N PRO A 127 4.86 -28.11 -13.35
CA PRO A 127 6.32 -27.99 -13.21
C PRO A 127 7.02 -29.18 -13.84
N GLU A 128 8.04 -28.89 -14.62
CA GLU A 128 8.84 -29.93 -15.30
C GLU A 128 10.22 -29.83 -14.69
N CYS A 129 10.43 -30.59 -13.62
CA CYS A 129 11.58 -30.43 -12.73
C CYS A 129 12.42 -31.72 -12.73
N PRO A 130 13.74 -31.61 -12.50
CA PRO A 130 14.58 -32.81 -12.27
C PRO A 130 14.09 -33.64 -11.07
N ALA A 131 14.43 -34.93 -11.07
CA ALA A 131 14.09 -35.82 -9.97
C ALA A 131 14.75 -35.28 -8.71
N GLY A 132 14.03 -35.36 -7.60
CA GLY A 132 14.57 -34.88 -6.34
C GLY A 132 14.10 -33.48 -5.96
N PHE A 133 13.53 -32.73 -6.88
CA PHE A 133 12.91 -31.43 -6.51
C PHE A 133 11.54 -31.65 -5.83
N VAL A 134 11.37 -31.23 -4.57
CA VAL A 134 10.04 -31.38 -3.85
C VAL A 134 9.01 -30.28 -4.16
N ARG A 135 9.48 -29.15 -4.69
CA ARG A 135 8.63 -28.02 -5.07
C ARG A 135 9.40 -27.20 -6.12
N PRO A 136 8.69 -26.44 -6.95
CA PRO A 136 9.38 -25.53 -7.89
C PRO A 136 10.16 -24.45 -7.10
N PRO A 137 11.44 -24.25 -7.41
CA PRO A 137 12.14 -23.19 -6.66
C PRO A 137 11.58 -21.81 -7.04
N LEU A 138 11.76 -20.82 -6.16
CA LEU A 138 11.38 -19.45 -6.44
C LEU A 138 12.65 -18.58 -6.55
N ILE A 139 12.75 -17.83 -7.64
CA ILE A 139 13.85 -16.84 -7.79
C ILE A 139 13.25 -15.44 -7.84
N ILE A 140 13.67 -14.63 -6.89
CA ILE A 140 13.20 -13.26 -6.83
C ILE A 140 14.27 -12.33 -7.43
N PHE A 141 13.95 -11.71 -8.56
CA PHE A 141 14.90 -10.89 -9.25
C PHE A 141 14.46 -9.44 -9.01
N SER A 142 15.10 -8.74 -8.07
CA SER A 142 14.62 -7.40 -7.79
C SER A 142 15.52 -6.31 -8.41
N VAL A 143 14.89 -5.28 -8.96
CA VAL A 143 15.64 -4.20 -9.62
C VAL A 143 15.33 -2.87 -8.97
N ASP A 144 16.37 -2.17 -8.53
CA ASP A 144 16.23 -0.87 -7.85
C ASP A 144 15.92 0.25 -8.86
N GLY A 145 14.89 1.04 -8.57
CA GLY A 145 14.58 2.21 -9.40
C GLY A 145 14.00 1.89 -10.74
N PHE A 146 13.51 0.67 -10.94
CA PHE A 146 12.90 0.27 -12.20
C PHE A 146 11.45 0.83 -12.29
N ARG A 147 11.35 1.99 -12.88
CA ARG A 147 10.07 2.65 -13.11
C ARG A 147 9.13 1.89 -14.06
N ALA A 148 7.83 1.87 -13.74
CA ALA A 148 6.88 1.03 -14.48
C ALA A 148 6.90 1.28 -15.97
N SER A 149 7.08 2.52 -16.40
CA SER A 149 6.99 2.77 -17.85
C SER A 149 8.21 2.31 -18.65
N TYR A 150 9.31 1.92 -17.99
CA TYR A 150 10.43 1.25 -18.71
C TYR A 150 9.98 0.01 -19.46
N MET A 151 8.96 -0.69 -18.96
CA MET A 151 8.50 -1.91 -19.66
C MET A 151 8.06 -1.63 -21.09
N LYS A 152 7.36 -0.51 -21.29
CA LYS A 152 6.94 -0.11 -22.64
C LYS A 152 8.05 0.70 -23.32
N LYS A 153 8.60 1.70 -22.62
CA LYS A 153 9.56 2.61 -23.23
C LYS A 153 10.95 2.02 -23.55
N GLY A 154 11.35 0.98 -22.83
CA GLY A 154 12.63 0.33 -23.07
C GLY A 154 12.52 -1.04 -23.72
N SER A 155 11.34 -1.37 -24.24
CA SER A 155 11.06 -2.74 -24.68
C SER A 155 11.97 -3.19 -25.81
N LYS A 156 12.38 -2.25 -26.66
CA LYS A 156 13.27 -2.59 -27.79
C LYS A 156 14.63 -3.07 -27.32
N VAL A 157 15.04 -2.65 -26.13
CA VAL A 157 16.37 -3.03 -25.69
C VAL A 157 16.37 -4.09 -24.55
N MET A 158 15.20 -4.64 -24.25
CA MET A 158 15.08 -5.63 -23.16
C MET A 158 14.33 -6.89 -23.62
N PRO A 159 14.89 -7.59 -24.62
CA PRO A 159 14.12 -8.72 -25.14
C PRO A 159 13.84 -9.86 -24.12
N ASN A 160 14.78 -10.20 -23.23
CA ASN A 160 14.57 -11.28 -22.22
C ASN A 160 13.45 -10.89 -21.24
N ILE A 161 13.50 -9.65 -20.79
CA ILE A 161 12.48 -9.13 -19.85
C ILE A 161 11.12 -9.04 -20.53
N GLU A 162 11.11 -8.64 -21.82
CA GLU A 162 9.86 -8.61 -22.55
C GLU A 162 9.27 -9.97 -22.76
N LYS A 163 10.13 -10.98 -22.89
CA LYS A 163 9.59 -12.36 -23.06
C LYS A 163 9.01 -12.84 -21.74
N LEU A 164 9.70 -12.57 -20.64
CA LEU A 164 9.10 -12.91 -19.32
C LEU A 164 7.74 -12.28 -19.16
N ARG A 165 7.68 -10.98 -19.46
CA ARG A 165 6.50 -10.19 -19.28
C ARG A 165 5.35 -10.66 -20.15
N SER A 166 5.60 -10.88 -21.45
CA SER A 166 4.50 -11.24 -22.34
C SER A 166 4.11 -12.71 -22.20
N CYS A 167 5.01 -13.58 -21.82
CA CYS A 167 4.68 -15.02 -21.70
C CYS A 167 4.13 -15.36 -20.31
N GLY A 168 4.54 -14.60 -19.30
CA GLY A 168 4.06 -14.85 -17.95
C GLY A 168 2.82 -14.08 -17.56
N THR A 169 2.77 -13.71 -16.27
CA THR A 169 1.73 -12.90 -15.71
C THR A 169 2.32 -11.53 -15.40
N HIS A 170 1.66 -10.47 -15.80
CA HIS A 170 2.22 -9.13 -15.48
C HIS A 170 1.16 -8.09 -15.08
N ALA A 171 1.58 -7.08 -14.33
CA ALA A 171 0.71 -5.97 -14.00
C ALA A 171 1.25 -4.77 -14.81
N PRO A 172 0.37 -3.84 -15.21
CA PRO A 172 0.82 -2.61 -15.94
C PRO A 172 1.77 -1.83 -15.02
N TYR A 173 1.53 -1.90 -13.71
CA TYR A 173 2.49 -1.42 -12.72
C TYR A 173 2.14 -1.95 -11.36
N MET A 174 3.07 -1.74 -10.42
CA MET A 174 2.87 -2.20 -9.07
C MET A 174 3.11 -1.00 -8.20
N ARG A 175 2.24 -0.77 -7.22
CA ARG A 175 2.35 0.40 -6.33
C ARG A 175 3.29 0.12 -5.16
N PRO A 176 4.34 0.97 -4.99
CA PRO A 176 5.24 0.84 -3.84
C PRO A 176 4.54 1.32 -2.57
N VAL A 177 5.20 1.23 -1.42
CA VAL A 177 4.70 1.86 -0.21
C VAL A 177 5.38 3.23 -0.02
N TYR A 178 4.85 4.02 0.89
CA TYR A 178 5.45 5.32 1.22
C TYR A 178 6.33 5.16 2.44
N PRO A 179 7.53 5.80 2.45
CA PRO A 179 8.13 6.58 1.36
C PRO A 179 8.70 5.70 0.26
N THR A 180 8.67 6.20 -0.97
CA THR A 180 9.07 5.36 -2.07
C THR A 180 10.63 5.37 -2.14
N LYS A 181 11.24 4.98 -1.03
CA LYS A 181 12.67 4.76 -0.86
C LYS A 181 13.01 3.25 -0.91
N THR A 182 14.29 2.95 -1.11
CA THR A 182 14.77 1.59 -1.38
C THR A 182 14.57 0.62 -0.19
N PHE A 183 15.10 0.95 0.97
CA PHE A 183 15.02 0.01 2.09
C PHE A 183 13.61 -0.24 2.61
N PRO A 184 12.77 0.82 2.76
CA PRO A 184 11.38 0.63 3.17
C PRO A 184 10.69 -0.29 2.19
N ASN A 185 10.93 -0.13 0.88
CA ASN A 185 10.20 -0.96 -0.06
C ASN A 185 10.64 -2.41 -0.19
N LEU A 186 11.96 -2.64 -0.17
CA LEU A 186 12.52 -4.01 -0.20
C LEU A 186 12.11 -4.75 1.06
N TYR A 187 12.14 -4.09 2.20
CA TYR A 187 11.72 -4.79 3.39
C TYR A 187 10.18 -5.04 3.44
N THR A 188 9.40 -4.15 2.82
CA THR A 188 7.93 -4.39 2.64
C THR A 188 7.72 -5.63 1.74
N LEU A 189 8.50 -5.70 0.64
CA LEU A 189 8.47 -6.91 -0.22
C LEU A 189 8.77 -8.18 0.56
N ALA A 190 9.73 -8.10 1.47
CA ALA A 190 10.12 -9.23 2.27
C ALA A 190 9.12 -9.61 3.38
N THR A 191 8.29 -8.68 3.86
CA THR A 191 7.51 -8.92 5.07
C THR A 191 6.00 -8.82 4.93
N GLY A 192 5.54 -8.18 3.85
CA GLY A 192 4.13 -7.84 3.66
C GLY A 192 3.65 -6.77 4.62
N LEU A 193 4.56 -6.05 5.26
CA LEU A 193 4.18 -5.06 6.24
C LEU A 193 4.40 -3.63 5.78
N TYR A 194 3.51 -2.71 6.18
CA TYR A 194 3.81 -1.25 6.02
C TYR A 194 5.13 -0.88 6.75
N PRO A 195 5.89 0.09 6.22
CA PRO A 195 7.08 0.57 6.97
C PRO A 195 6.82 0.91 8.41
N GLU A 196 5.65 1.48 8.74
CA GLU A 196 5.37 1.83 10.14
C GLU A 196 5.38 0.59 11.04
N SER A 197 5.04 -0.57 10.47
CA SER A 197 5.03 -1.79 11.24
C SER A 197 6.36 -2.55 11.22
N HIS A 198 7.02 -2.60 10.06
CA HIS A 198 8.31 -3.27 10.02
C HIS A 198 9.46 -2.43 10.58
N GLY A 199 9.28 -1.13 10.61
CA GLY A 199 10.23 -0.29 11.33
C GLY A 199 11.22 0.40 10.46
N ILE A 200 11.34 -0.03 9.20
CA ILE A 200 12.26 0.64 8.29
C ILE A 200 11.52 1.79 7.57
N VAL A 201 11.49 2.96 8.22
CA VAL A 201 10.52 4.01 7.87
C VAL A 201 11.15 5.02 6.91
N GLY A 202 12.44 4.88 6.69
CA GLY A 202 13.12 5.67 5.66
C GLY A 202 14.47 5.06 5.37
N ASN A 203 15.21 5.69 4.46
CA ASN A 203 16.62 5.31 4.26
C ASN A 203 17.47 5.89 5.40
N SER A 204 16.93 6.87 6.14
CA SER A 204 17.61 7.44 7.33
C SER A 204 16.67 7.48 8.56
N MET A 205 17.12 7.10 9.78
CA MET A 205 16.22 7.12 10.95
C MET A 205 16.88 7.37 12.30
N TYR A 206 16.11 7.92 13.22
CA TYR A 206 16.54 8.05 14.60
C TYR A 206 15.52 7.32 15.44
N ASP A 207 15.94 6.37 16.29
CA ASP A 207 15.03 5.73 17.22
C ASP A 207 15.28 6.26 18.64
N PRO A 208 14.32 7.02 19.19
CA PRO A 208 14.55 7.72 20.46
C PRO A 208 14.64 6.77 21.63
N VAL A 209 14.03 5.58 21.54
CA VAL A 209 14.12 4.59 22.61
C VAL A 209 15.52 3.96 22.69
N PHE A 210 16.07 3.62 21.53
CA PHE A 210 17.45 3.11 21.45
C PHE A 210 18.40 4.28 21.64
N ASP A 211 17.89 5.50 21.43
CA ASP A 211 18.77 6.65 21.17
C ASP A 211 19.84 6.23 20.14
N ALA A 212 19.43 5.84 18.94
CA ALA A 212 20.44 5.45 17.98
C ALA A 212 19.94 5.78 16.59
N SER A 213 20.88 5.95 15.66
CA SER A 213 20.56 6.31 14.27
C SER A 213 20.88 5.20 13.25
N PHE A 214 20.02 5.07 12.24
CA PHE A 214 20.20 4.13 11.13
C PHE A 214 20.55 4.95 9.89
N HIS A 215 21.59 4.54 9.13
CA HIS A 215 22.00 5.22 7.87
C HIS A 215 22.36 4.20 6.79
N LEU A 216 22.23 4.61 5.51
CA LEU A 216 22.65 3.78 4.36
C LEU A 216 24.12 3.33 4.45
N ARG A 217 25.03 4.31 4.55
CA ARG A 217 26.44 4.06 4.87
C ARG A 217 26.55 3.60 6.32
N GLY A 218 27.30 2.51 6.55
CA GLY A 218 27.76 2.21 7.88
C GLY A 218 27.26 0.95 8.52
N ARG A 219 27.61 0.82 9.79
CA ARG A 219 27.47 -0.42 10.54
C ARG A 219 26.09 -0.60 11.20
N GLU A 220 25.51 0.47 11.77
CA GLU A 220 24.26 0.38 12.58
C GLU A 220 23.10 -0.38 11.89
N LYS A 221 22.93 -0.18 10.58
CA LYS A 221 21.92 -0.89 9.79
C LYS A 221 21.96 -2.44 9.91
N PHE A 222 23.09 -3.00 10.35
CA PHE A 222 23.23 -4.46 10.52
C PHE A 222 22.63 -4.98 11.82
N ASN A 223 22.50 -4.11 12.81
CA ASN A 223 21.88 -4.50 14.08
C ASN A 223 20.40 -4.94 13.87
N HIS A 224 20.07 -6.16 14.32
CA HIS A 224 18.75 -6.76 14.11
C HIS A 224 17.55 -5.98 14.71
N ARG A 225 17.80 -5.09 15.68
CA ARG A 225 16.71 -4.38 16.35
C ARG A 225 16.00 -3.34 15.45
N TRP A 226 16.62 -2.94 14.34
CA TRP A 226 15.94 -2.08 13.37
C TRP A 226 14.81 -2.81 12.63
N TRP A 227 14.95 -4.12 12.50
CA TRP A 227 14.24 -4.86 11.46
C TRP A 227 13.15 -5.67 12.09
N GLY A 228 11.91 -5.21 12.00
CA GLY A 228 10.77 -5.84 12.66
C GLY A 228 10.10 -6.82 11.72
N GLY A 229 8.98 -7.37 12.17
CA GLY A 229 8.21 -8.36 11.40
C GLY A 229 8.98 -9.66 11.14
N GLN A 230 8.51 -10.48 10.20
CA GLN A 230 9.20 -11.70 9.90
C GLN A 230 9.39 -11.84 8.39
N PRO A 231 10.63 -11.59 7.90
CA PRO A 231 10.88 -11.62 6.44
C PRO A 231 10.83 -13.05 5.90
N LEU A 232 10.62 -13.13 4.59
CA LEU A 232 10.38 -14.39 3.90
C LEU A 232 11.43 -15.46 4.22
N TRP A 233 12.73 -15.09 4.22
CA TRP A 233 13.81 -16.03 4.54
C TRP A 233 13.68 -16.65 5.94
N ILE A 234 13.15 -15.91 6.92
CA ILE A 234 12.95 -16.44 8.28
C ILE A 234 11.70 -17.31 8.29
N THR A 235 10.66 -16.85 7.60
CA THR A 235 9.42 -17.63 7.45
C THR A 235 9.73 -19.03 6.84
N ALA A 236 10.54 -19.05 5.78
CA ALA A 236 10.90 -20.28 5.11
C ALA A 236 11.69 -21.20 6.08
N THR A 237 12.70 -20.61 6.75
CA THR A 237 13.59 -21.37 7.62
C THR A 237 12.76 -22.05 8.73
N LYS A 238 11.99 -21.24 9.49
CA LYS A 238 11.05 -21.76 10.53
C LYS A 238 10.16 -22.90 10.07
N GLN A 239 9.83 -22.95 8.78
CA GLN A 239 8.92 -23.95 8.30
C GLN A 239 9.61 -25.02 7.49
N GLY A 240 10.94 -25.07 7.58
CA GLY A 240 11.69 -26.16 7.00
C GLY A 240 11.90 -26.06 5.51
N VAL A 241 11.81 -24.84 4.97
CA VAL A 241 12.15 -24.55 3.60
C VAL A 241 13.49 -23.80 3.61
N ARG A 242 14.47 -24.30 2.87
CA ARG A 242 15.84 -23.75 2.92
C ARG A 242 15.92 -22.50 2.03
N ALA A 243 16.58 -21.50 2.54
CA ALA A 243 16.65 -20.25 1.81
C ALA A 243 18.11 -19.91 1.45
N GLY A 244 18.31 -19.46 0.20
CA GLY A 244 19.60 -18.95 -0.28
C GLY A 244 19.88 -17.70 0.54
N THR A 245 21.11 -17.53 1.05
CA THR A 245 21.51 -16.24 1.64
C THR A 245 21.17 -15.21 0.56
N PHE A 246 20.27 -14.26 0.89
CA PHE A 246 19.60 -13.40 -0.09
C PHE A 246 20.45 -12.23 -0.60
N PHE A 247 21.42 -11.80 0.20
CA PHE A 247 22.07 -10.50 0.03
C PHE A 247 23.50 -10.60 -0.43
N TRP A 248 23.86 -9.68 -1.33
CA TRP A 248 25.13 -9.72 -2.04
C TRP A 248 25.90 -8.43 -1.72
N SER A 249 27.11 -8.59 -1.21
CA SER A 249 28.03 -7.44 -1.04
C SER A 249 28.15 -6.76 -2.39
N VAL A 250 28.23 -5.43 -2.38
CA VAL A 250 28.06 -4.62 -3.62
C VAL A 250 29.16 -4.91 -4.67
N SER A 251 30.38 -5.24 -4.22
CA SER A 251 31.49 -5.43 -5.18
C SER A 251 31.42 -6.73 -5.96
N ILE A 252 30.66 -7.71 -5.45
CA ILE A 252 30.48 -8.97 -6.21
C ILE A 252 29.70 -8.67 -7.47
N PRO A 253 30.31 -8.90 -8.64
CA PRO A 253 29.62 -8.54 -9.89
C PRO A 253 28.40 -9.41 -10.18
N HIS A 254 27.48 -8.86 -10.97
CA HIS A 254 26.23 -9.53 -11.32
C HIS A 254 26.41 -10.91 -11.92
N GLU A 255 27.46 -11.08 -12.73
CA GLU A 255 27.69 -12.37 -13.39
C GLU A 255 28.00 -13.48 -12.38
N ARG A 256 28.80 -13.13 -11.38
CA ARG A 256 29.16 -14.00 -10.31
C ARG A 256 27.95 -14.36 -9.40
N ARG A 257 27.06 -13.38 -9.17
CA ARG A 257 25.81 -13.63 -8.43
C ARG A 257 24.97 -14.67 -9.15
N ILE A 258 24.79 -14.50 -10.46
CA ILE A 258 23.99 -15.44 -11.26
C ILE A 258 24.62 -16.86 -11.22
N LEU A 259 25.93 -16.96 -11.43
CA LEU A 259 26.64 -18.24 -11.42
C LEU A 259 26.53 -18.91 -10.05
N THR A 260 26.64 -18.13 -8.98
CA THR A 260 26.45 -18.67 -7.65
C THR A 260 25.04 -19.29 -7.41
N ILE A 261 24.00 -18.56 -7.80
CA ILE A 261 22.62 -19.11 -7.76
C ILE A 261 22.52 -20.39 -8.57
N LEU A 262 23.08 -20.40 -9.76
CA LEU A 262 23.00 -21.59 -10.60
C LEU A 262 23.76 -22.78 -10.00
N GLN A 263 24.87 -22.51 -9.32
CA GLN A 263 25.63 -23.53 -8.60
C GLN A 263 24.84 -24.06 -7.40
N TRP A 264 24.20 -23.16 -6.64
CA TRP A 264 23.37 -23.60 -5.52
C TRP A 264 22.26 -24.52 -5.95
N LEU A 265 21.75 -24.27 -7.16
CA LEU A 265 20.67 -25.09 -7.75
C LEU A 265 21.15 -26.45 -8.18
N SER A 266 22.46 -26.67 -8.10
CA SER A 266 23.05 -27.97 -8.42
C SER A 266 23.40 -28.75 -7.15
N LEU A 267 23.23 -28.17 -5.98
CA LEU A 267 23.49 -28.90 -4.76
C LEU A 267 22.59 -30.14 -4.67
N PRO A 268 23.00 -31.14 -3.87
CA PRO A 268 22.11 -32.27 -3.60
C PRO A 268 20.83 -31.82 -2.87
N ASP A 269 19.77 -32.61 -3.05
CA ASP A 269 18.43 -32.30 -2.58
C ASP A 269 18.37 -31.82 -1.13
N ASN A 270 19.08 -32.49 -0.24
CA ASN A 270 19.06 -32.12 1.17
C ASN A 270 19.76 -30.80 1.50
N GLU A 271 20.53 -30.23 0.58
CA GLU A 271 21.28 -28.99 0.90
C GLU A 271 20.82 -27.79 0.09
N ARG A 272 20.06 -28.07 -0.95
CA ARG A 272 19.70 -27.07 -1.94
C ARG A 272 18.60 -26.11 -1.49
N PRO A 273 18.85 -24.78 -1.54
CA PRO A 273 17.73 -23.90 -1.22
C PRO A 273 16.55 -24.02 -2.17
N SER A 274 15.38 -23.73 -1.64
CA SER A 274 14.15 -23.60 -2.47
C SER A 274 13.82 -22.15 -2.90
N VAL A 275 14.48 -21.17 -2.28
CA VAL A 275 14.20 -19.77 -2.63
C VAL A 275 15.53 -19.02 -2.71
N TYR A 276 15.63 -18.13 -3.70
CA TYR A 276 16.85 -17.38 -4.03
C TYR A 276 16.51 -15.94 -4.33
N ALA A 277 17.48 -15.04 -4.16
CA ALA A 277 17.24 -13.64 -4.44
C ALA A 277 18.43 -13.09 -5.22
N PHE A 278 18.12 -12.31 -6.24
CA PHE A 278 19.15 -11.53 -6.95
C PHE A 278 18.74 -10.06 -6.83
N TYR A 279 19.69 -9.15 -6.60
CA TYR A 279 19.37 -7.76 -6.49
C TYR A 279 20.27 -6.96 -7.42
N SER A 280 19.67 -6.07 -8.19
CA SER A 280 20.41 -5.16 -9.05
C SER A 280 20.29 -3.73 -8.59
N GLU A 281 21.44 -3.05 -8.39
CA GLU A 281 21.50 -1.64 -7.99
C GLU A 281 21.08 -0.71 -9.12
N GLN A 282 21.01 -1.24 -10.35
CA GLN A 282 20.58 -0.55 -11.55
C GLN A 282 19.09 -0.92 -11.83
N PRO A 283 18.30 -0.02 -12.47
CA PRO A 283 18.72 1.25 -13.07
C PRO A 283 18.78 2.43 -12.08
N ASP A 284 18.47 2.24 -10.81
CA ASP A 284 18.46 3.34 -9.83
C ASP A 284 19.76 4.17 -9.84
N PHE A 285 20.90 3.50 -9.82
CA PHE A 285 22.19 4.19 -9.71
C PHE A 285 22.35 5.24 -10.84
N SER A 286 22.16 4.81 -12.06
CA SER A 286 22.25 5.74 -13.18
C SER A 286 21.11 6.76 -13.20
N GLY A 287 19.90 6.34 -12.78
CA GLY A 287 18.72 7.20 -12.79
C GLY A 287 18.92 8.44 -11.91
N HIS A 288 19.60 8.28 -10.79
CA HIS A 288 19.95 9.42 -9.97
C HIS A 288 20.83 10.44 -10.73
N LYS A 289 21.77 9.93 -11.52
CA LYS A 289 22.77 10.80 -12.22
C LYS A 289 22.18 11.42 -13.45
N TYR A 290 21.39 10.66 -14.22
CA TYR A 290 20.92 11.11 -15.53
C TYR A 290 19.43 11.36 -15.66
N GLY A 291 18.66 11.12 -14.60
CA GLY A 291 17.19 11.30 -14.69
C GLY A 291 16.58 10.01 -15.26
N PRO A 292 15.26 9.83 -15.11
CA PRO A 292 14.68 8.52 -15.45
C PRO A 292 14.79 8.18 -16.94
N PHE A 293 14.79 9.20 -17.81
CA PHE A 293 14.87 8.94 -19.27
C PHE A 293 16.07 9.54 -20.00
N GLY A 294 17.08 9.88 -19.21
CA GLY A 294 18.39 10.29 -19.77
C GLY A 294 18.86 9.31 -20.82
N PRO A 295 19.45 9.82 -21.94
CA PRO A 295 19.95 8.92 -22.96
C PRO A 295 20.99 7.91 -22.41
N GLU A 296 21.66 8.26 -21.29
CA GLU A 296 22.57 7.33 -20.62
C GLU A 296 21.84 6.12 -19.96
N MET A 297 20.51 6.10 -20.02
CA MET A 297 19.73 5.07 -19.27
C MET A 297 19.54 3.81 -20.13
N THR A 298 19.75 3.93 -21.43
CA THR A 298 19.60 2.77 -22.32
C THR A 298 20.56 1.64 -21.95
N ASN A 299 21.84 1.97 -21.76
CA ASN A 299 22.84 0.98 -21.39
C ASN A 299 22.57 0.16 -20.11
N PRO A 300 22.28 0.83 -18.97
CA PRO A 300 21.86 0.09 -17.75
C PRO A 300 20.67 -0.84 -18.01
N LEU A 301 19.67 -0.44 -18.80
CA LEU A 301 18.54 -1.32 -19.12
C LEU A 301 18.94 -2.55 -19.96
N ARG A 302 19.77 -2.32 -20.99
CA ARG A 302 20.38 -3.38 -21.79
C ARG A 302 21.15 -4.36 -20.87
N GLU A 303 21.95 -3.81 -19.95
CA GLU A 303 22.74 -4.63 -19.05
C GLU A 303 21.85 -5.47 -18.15
N ILE A 304 20.78 -4.90 -17.60
CA ILE A 304 19.83 -5.71 -16.77
C ILE A 304 19.21 -6.81 -17.62
N ASP A 305 18.82 -6.49 -18.85
CA ASP A 305 18.28 -7.55 -19.68
C ASP A 305 19.27 -8.69 -19.94
N LYS A 306 20.54 -8.33 -20.12
CA LYS A 306 21.57 -9.33 -20.37
C LYS A 306 21.72 -10.27 -19.17
N THR A 307 21.67 -9.72 -17.95
CA THR A 307 21.68 -10.53 -16.73
C THR A 307 20.49 -11.49 -16.65
N VAL A 308 19.31 -11.03 -17.04
CA VAL A 308 18.13 -11.88 -17.07
C VAL A 308 18.36 -13.00 -18.07
N GLY A 309 18.87 -12.64 -19.24
CA GLY A 309 19.24 -13.61 -20.28
C GLY A 309 20.20 -14.69 -19.80
N GLN A 310 21.21 -14.27 -19.03
CA GLN A 310 22.18 -15.22 -18.45
C GLN A 310 21.55 -16.20 -17.45
N LEU A 311 20.68 -15.70 -16.57
CA LEU A 311 19.92 -16.56 -15.69
C LEU A 311 19.05 -17.54 -16.45
N MET A 312 18.26 -17.05 -17.40
CA MET A 312 17.38 -17.96 -18.15
C MET A 312 18.11 -19.00 -19.01
N ASP A 313 19.24 -18.61 -19.60
CA ASP A 313 20.10 -19.57 -20.33
C ASP A 313 20.69 -20.59 -19.36
N GLY A 314 21.08 -20.13 -18.18
CA GLY A 314 21.60 -21.00 -17.17
C GLY A 314 20.57 -22.00 -16.64
N LEU A 315 19.34 -21.52 -16.42
CA LEU A 315 18.28 -22.41 -15.98
C LEU A 315 17.99 -23.43 -17.08
N LYS A 316 17.93 -22.96 -18.31
CA LYS A 316 17.67 -23.88 -19.41
C LYS A 316 18.73 -25.03 -19.50
N GLN A 317 20.03 -24.68 -19.40
CA GLN A 317 21.13 -25.69 -19.30
C GLN A 317 20.89 -26.70 -18.23
N LEU A 318 20.35 -26.25 -17.10
CA LEU A 318 20.10 -27.14 -15.99
C LEU A 318 18.72 -27.85 -16.12
N ARG A 319 18.05 -27.67 -17.26
CA ARG A 319 16.64 -28.09 -17.48
C ARG A 319 15.70 -27.64 -16.33
N LEU A 320 15.90 -26.40 -15.87
CA LEU A 320 15.11 -25.79 -14.81
C LEU A 320 14.19 -24.65 -15.30
N HIS A 321 14.21 -24.39 -16.61
CA HIS A 321 13.54 -23.20 -17.16
C HIS A 321 12.02 -23.37 -17.24
N ARG A 322 11.53 -24.58 -17.03
CA ARG A 322 10.10 -24.86 -16.96
C ARG A 322 9.78 -25.44 -15.60
N CYS A 323 10.64 -25.11 -14.62
CA CYS A 323 10.50 -25.65 -13.30
C CYS A 323 10.46 -24.55 -12.24
N VAL A 324 11.25 -23.48 -12.42
CA VAL A 324 11.36 -22.40 -11.48
C VAL A 324 10.30 -21.29 -11.68
N ASN A 325 9.78 -20.74 -10.58
CA ASN A 325 8.98 -19.55 -10.70
C ASN A 325 9.93 -18.36 -10.53
N VAL A 326 9.82 -17.44 -11.47
CA VAL A 326 10.70 -16.25 -11.48
C VAL A 326 9.83 -15.05 -11.19
N ILE A 327 10.25 -14.24 -10.24
CA ILE A 327 9.57 -12.95 -10.01
C ILE A 327 10.54 -11.83 -10.35
N PHE A 328 10.12 -10.98 -11.27
CA PHE A 328 10.86 -9.76 -11.65
C PHE A 328 10.10 -8.57 -11.07
N VAL A 329 10.70 -7.90 -10.09
CA VAL A 329 9.97 -6.96 -9.30
C VAL A 329 10.85 -5.76 -8.97
N GLY A 330 10.26 -4.55 -9.03
CA GLY A 330 11.03 -3.33 -8.70
C GLY A 330 10.69 -2.86 -7.31
N ASP A 331 11.50 -1.97 -6.74
CA ASP A 331 11.16 -1.41 -5.44
C ASP A 331 10.37 -0.05 -5.53
N HIS A 332 10.66 0.78 -6.54
CA HIS A 332 10.07 2.13 -6.73
C HIS A 332 10.58 2.62 -8.09
N GLY A 333 9.94 3.67 -8.62
CA GLY A 333 10.37 4.31 -9.86
C GLY A 333 11.41 5.39 -9.59
N MET A 334 11.39 6.42 -10.44
CA MET A 334 12.39 7.49 -10.45
C MET A 334 11.75 8.68 -11.17
N GLU A 335 11.95 9.87 -10.60
CA GLU A 335 11.37 11.08 -11.13
C GLU A 335 12.53 12.07 -11.47
N ASP A 336 12.25 13.04 -12.33
CA ASP A 336 13.19 14.15 -12.65
C ASP A 336 13.22 15.13 -11.54
N VAL A 337 14.38 15.31 -10.93
CA VAL A 337 14.53 16.18 -9.79
C VAL A 337 15.91 16.79 -9.90
N THR A 338 16.01 18.12 -9.83
CA THR A 338 17.30 18.84 -9.92
C THR A 338 17.50 19.80 -8.72
N CYS A 339 18.77 20.13 -8.43
CA CYS A 339 19.17 21.04 -7.32
C CYS A 339 18.40 22.36 -7.30
N ASP A 340 18.08 22.89 -8.46
CA ASP A 340 17.36 24.15 -8.49
C ASP A 340 15.90 24.06 -8.05
N ARG A 341 15.31 22.86 -8.08
CA ARG A 341 13.96 22.69 -7.52
C ARG A 341 14.06 22.21 -6.07
N THR A 342 14.59 23.08 -5.20
CA THR A 342 14.69 22.84 -3.79
C THR A 342 14.03 24.02 -3.08
N GLU A 343 13.14 23.73 -2.14
CA GLU A 343 12.59 24.72 -1.21
C GLU A 343 13.42 24.67 0.04
N PHE A 344 13.69 25.84 0.65
CA PHE A 344 14.52 25.91 1.84
C PHE A 344 13.74 26.33 3.06
N LEU A 345 13.81 25.56 4.12
CA LEU A 345 13.10 25.92 5.33
C LEU A 345 13.59 27.28 5.90
N SER A 346 14.81 27.66 5.56
CA SER A 346 15.34 28.94 6.00
C SER A 346 14.59 30.10 5.32
N ASN A 347 13.88 29.82 4.23
CA ASN A 347 12.97 30.85 3.66
C ASN A 347 11.62 31.01 4.37
N TYR A 348 11.37 30.25 5.44
CA TYR A 348 10.06 30.21 6.11
C TYR A 348 10.26 30.35 7.59
N LEU A 349 11.35 29.80 8.11
CA LEU A 349 11.52 29.73 9.55
C LEU A 349 12.61 30.67 10.03
N THR A 350 12.32 31.44 11.07
CA THR A 350 13.37 32.27 11.66
C THR A 350 14.31 31.37 12.50
N ASN A 351 13.73 30.43 13.25
CA ASN A 351 14.45 29.50 14.12
C ASN A 351 15.10 28.24 13.48
N VAL A 352 15.56 28.31 12.23
CA VAL A 352 16.04 27.12 11.51
C VAL A 352 17.11 26.26 12.23
N ASP A 353 17.87 26.85 13.15
CA ASP A 353 18.92 26.10 13.87
C ASP A 353 18.43 25.27 15.04
N ASP A 354 17.16 25.45 15.42
CA ASP A 354 16.63 24.71 16.56
C ASP A 354 15.93 23.42 16.10
N ILE A 355 15.99 23.15 14.79
CA ILE A 355 15.34 21.95 14.22
C ILE A 355 16.34 21.07 13.48
N THR A 356 16.01 19.78 13.45
CA THR A 356 16.71 18.75 12.68
C THR A 356 15.76 18.38 11.54
N LEU A 357 16.25 18.45 10.30
CA LEU A 357 15.48 18.00 9.15
C LEU A 357 16.08 16.76 8.48
N VAL A 358 15.26 15.71 8.35
CA VAL A 358 15.56 14.65 7.41
C VAL A 358 15.05 15.15 6.05
N PRO A 359 15.96 15.42 5.07
CA PRO A 359 15.62 16.19 3.89
C PRO A 359 15.41 15.35 2.62
N GLY A 360 15.02 16.02 1.54
CA GLY A 360 15.00 15.42 0.22
C GLY A 360 13.61 15.40 -0.34
N THR A 361 13.13 14.20 -0.70
CA THR A 361 11.83 14.05 -1.37
C THR A 361 10.68 13.88 -0.36
N LEU A 362 11.02 13.94 0.93
CA LEU A 362 10.06 14.02 2.02
C LEU A 362 10.82 14.75 3.10
N GLY A 363 10.08 15.25 4.07
CA GLY A 363 10.71 15.99 5.13
C GLY A 363 10.23 15.47 6.43
N ARG A 364 11.14 15.29 7.39
CA ARG A 364 10.73 14.93 8.75
C ARG A 364 11.49 15.88 9.70
N ILE A 365 10.74 16.52 10.58
CA ILE A 365 11.30 17.56 11.45
C ILE A 365 11.15 17.16 12.91
N ARG A 366 12.22 17.37 13.69
CA ARG A 366 12.09 17.27 15.14
C ARG A 366 13.00 18.33 15.79
N ALA A 367 12.95 18.47 17.12
CA ALA A 367 13.79 19.46 17.79
C ALA A 367 15.25 19.02 17.72
N LYS A 368 16.15 19.96 17.45
CA LYS A 368 17.59 19.72 17.54
C LYS A 368 18.01 19.20 18.93
N SER A 369 17.45 19.79 19.98
CA SER A 369 17.76 19.39 21.35
C SER A 369 16.51 19.17 22.21
N ILE A 370 16.42 18.02 22.89
CA ILE A 370 15.27 17.69 23.76
C ILE A 370 15.27 18.51 25.06
N ASN A 371 16.37 19.23 25.30
CA ASN A 371 16.52 20.15 26.43
C ASN A 371 15.98 21.56 26.14
N ASN A 372 15.63 21.83 24.89
CA ASN A 372 15.01 23.10 24.52
C ASN A 372 13.48 23.07 24.66
N SER A 373 13.00 23.60 25.78
CA SER A 373 11.56 23.58 26.08
C SER A 373 10.81 24.73 25.39
N LYS A 374 11.54 25.51 24.58
CA LYS A 374 10.97 26.64 23.84
C LYS A 374 10.55 26.25 22.41
N TYR A 375 11.07 25.12 21.93
CA TYR A 375 10.66 24.52 20.65
C TYR A 375 9.16 24.24 20.69
N ASP A 376 8.45 24.62 19.62
CA ASP A 376 6.99 24.38 19.51
C ASP A 376 6.58 23.96 18.09
N PRO A 377 6.11 22.69 17.94
CA PRO A 377 5.68 22.18 16.64
C PRO A 377 4.49 22.91 16.05
N LYS A 378 3.62 23.46 16.91
CA LYS A 378 2.46 24.19 16.45
C LYS A 378 2.87 25.39 15.62
N THR A 379 3.84 26.14 16.14
CA THR A 379 4.27 27.34 15.42
C THR A 379 5.14 27.04 14.20
N ILE A 380 5.85 25.91 14.23
CA ILE A 380 6.60 25.47 13.04
C ILE A 380 5.64 25.12 11.90
N ILE A 381 4.62 24.30 12.20
CA ILE A 381 3.60 23.97 11.17
C ILE A 381 2.98 25.23 10.57
N ALA A 382 2.55 26.15 11.43
CA ALA A 382 1.90 27.38 10.98
C ALA A 382 2.84 28.22 10.08
N ALA A 383 4.11 28.31 10.44
CA ALA A 383 5.07 29.07 9.62
C ALA A 383 5.34 28.38 8.26
N LEU A 384 4.95 27.11 8.16
CA LEU A 384 5.15 26.34 6.93
C LEU A 384 3.88 26.19 6.08
N THR A 385 2.76 26.70 6.58
CA THR A 385 1.48 26.49 5.93
C THR A 385 1.06 27.59 5.01
N CYS A 386 0.95 27.25 3.72
CA CYS A 386 0.42 28.11 2.67
C CYS A 386 1.09 29.51 2.64
N LYS A 387 2.42 29.55 2.76
CA LYS A 387 3.12 30.81 2.90
C LYS A 387 3.54 31.46 1.58
N LYS A 388 3.57 30.68 0.52
CA LYS A 388 4.00 31.19 -0.79
C LYS A 388 3.02 30.66 -1.83
N PRO A 389 2.67 31.47 -2.84
CA PRO A 389 1.59 31.10 -3.77
C PRO A 389 1.76 29.73 -4.43
N ASP A 390 2.99 29.32 -4.75
CA ASP A 390 3.18 28.03 -5.42
C ASP A 390 4.02 27.02 -4.63
N GLN A 391 3.97 27.14 -3.31
CA GLN A 391 4.72 26.34 -2.36
C GLN A 391 4.76 24.86 -2.77
N HIS A 392 5.93 24.22 -2.77
CA HIS A 392 6.03 22.83 -3.31
C HIS A 392 6.17 21.73 -2.26
N PHE A 393 5.71 21.99 -1.05
CA PHE A 393 5.61 20.96 -0.04
C PHE A 393 4.46 21.41 0.84
N LYS A 394 3.86 20.47 1.54
CA LYS A 394 2.78 20.77 2.49
C LYS A 394 3.14 20.13 3.81
N PRO A 395 3.07 20.91 4.92
CA PRO A 395 3.39 20.31 6.21
C PRO A 395 2.17 19.59 6.81
N TYR A 396 2.42 18.52 7.55
CA TYR A 396 1.41 17.79 8.28
C TYR A 396 1.91 17.36 9.64
N MET A 397 1.05 17.35 10.65
CA MET A 397 1.26 16.47 11.79
C MET A 397 1.03 15.05 11.22
N LYS A 398 1.85 14.07 11.61
CA LYS A 398 1.85 12.75 10.95
C LYS A 398 0.46 12.09 11.02
N GLN A 399 -0.30 12.35 12.08
CA GLN A 399 -1.64 11.75 12.18
C GLN A 399 -2.66 12.38 11.21
N HIS A 400 -2.31 13.50 10.59
CA HIS A 400 -3.15 14.11 9.55
C HIS A 400 -2.81 13.74 8.13
N LEU A 401 -1.72 13.01 7.92
CA LEU A 401 -1.41 12.53 6.58
C LEU A 401 -2.56 11.63 6.11
N PRO A 402 -2.82 11.60 4.80
CA PRO A 402 -3.78 10.64 4.19
C PRO A 402 -3.56 9.26 4.76
N LYS A 403 -4.66 8.67 5.21
CA LYS A 403 -4.62 7.37 5.87
C LYS A 403 -4.08 6.31 4.92
N ARG A 404 -4.26 6.51 3.61
CA ARG A 404 -3.80 5.52 2.63
C ARG A 404 -2.27 5.33 2.69
N LEU A 405 -1.55 6.30 3.23
CA LEU A 405 -0.10 6.19 3.36
C LEU A 405 0.34 5.27 4.51
N HIS A 406 -0.52 5.07 5.49
CA HIS A 406 -0.22 4.26 6.65
C HIS A 406 1.17 4.65 7.26
N TYR A 407 1.37 5.94 7.47
CA TYR A 407 2.69 6.41 7.87
C TYR A 407 2.66 7.27 9.13
N ALA A 408 2.42 6.66 10.28
CA ALA A 408 2.29 7.43 11.53
C ALA A 408 2.63 6.63 12.76
N ASN A 409 2.21 5.37 12.81
CA ASN A 409 2.31 4.57 14.02
C ASN A 409 3.74 3.96 14.26
N ASN A 410 4.74 4.82 14.41
CA ASN A 410 6.07 4.36 14.73
C ASN A 410 6.82 5.51 15.37
N ARG A 411 7.50 5.24 16.48
CA ARG A 411 8.29 6.28 17.18
C ARG A 411 9.41 6.83 16.35
N ARG A 412 9.77 6.12 15.26
CA ARG A 412 10.82 6.60 14.35
C ARG A 412 10.32 7.64 13.34
N ILE A 413 9.02 7.79 13.24
CA ILE A 413 8.42 8.75 12.31
C ILE A 413 8.16 10.02 13.12
N GLU A 414 8.82 11.11 12.73
CA GLU A 414 8.71 12.36 13.46
C GLU A 414 7.29 12.93 13.34
N ASP A 415 6.86 13.60 14.41
CA ASP A 415 5.52 14.21 14.42
C ASP A 415 5.26 15.14 13.25
N ILE A 416 6.24 15.93 12.85
CA ILE A 416 6.05 16.86 11.75
C ILE A 416 6.62 16.23 10.48
N HIS A 417 5.82 16.26 9.42
CA HIS A 417 6.11 15.66 8.13
C HIS A 417 5.83 16.65 7.03
N LEU A 418 6.66 16.66 5.98
CA LEU A 418 6.38 17.44 4.79
C LEU A 418 6.19 16.51 3.61
N LEU A 419 5.03 16.58 2.97
CA LEU A 419 4.82 15.88 1.72
C LEU A 419 5.31 16.81 0.66
N VAL A 420 6.31 16.36 -0.09
CA VAL A 420 7.03 17.21 -1.04
C VAL A 420 6.40 16.96 -2.41
N ASP A 421 6.11 18.02 -3.16
CA ASP A 421 5.59 17.86 -4.55
C ASP A 421 6.54 17.05 -5.44
N ARG A 422 5.98 16.29 -6.42
CA ARG A 422 6.84 15.50 -7.27
C ARG A 422 7.75 16.48 -8.03
N ARG A 423 9.00 16.08 -8.25
CA ARG A 423 10.03 16.86 -9.00
C ARG A 423 10.76 17.85 -8.12
N TRP A 424 10.39 17.92 -6.85
CA TRP A 424 11.03 18.84 -5.89
C TRP A 424 11.78 18.18 -4.75
N HIS A 425 12.64 18.98 -4.09
CA HIS A 425 13.29 18.63 -2.86
C HIS A 425 12.98 19.69 -1.80
N VAL A 426 13.15 19.29 -0.54
CA VAL A 426 13.14 20.24 0.57
C VAL A 426 14.47 20.09 1.33
N ALA A 427 15.06 21.22 1.73
CA ALA A 427 16.30 21.23 2.49
C ALA A 427 16.22 22.26 3.63
N ARG A 428 17.09 22.16 4.63
CA ARG A 428 17.03 23.09 5.76
C ARG A 428 17.54 24.48 5.32
N LYS A 429 18.69 24.50 4.67
CA LYS A 429 19.40 25.76 4.31
C LYS A 429 20.07 25.57 2.98
N PRO A 430 20.23 26.65 2.19
CA PRO A 430 20.90 26.46 0.87
C PRO A 430 22.30 25.83 0.95
N LEU A 431 23.03 26.05 2.06
CA LEU A 431 24.38 25.47 2.24
C LEU A 431 24.36 23.93 2.17
N ASP A 432 23.34 23.32 2.75
CA ASP A 432 23.09 21.85 2.68
C ASP A 432 23.08 21.22 1.28
N VAL A 433 22.75 22.00 0.26
CA VAL A 433 22.64 21.50 -1.11
C VAL A 433 23.95 21.59 -1.90
N TYR A 434 24.61 22.75 -1.88
CA TYR A 434 25.89 22.91 -2.59
C TYR A 434 27.14 22.46 -1.77
N LYS A 435 26.97 22.23 -0.45
CA LYS A 435 27.99 21.60 0.40
C LYS A 435 27.41 20.31 1.06
N LYS A 436 27.26 19.25 0.27
CA LYS A 436 26.77 17.93 0.75
C LYS A 436 27.69 16.79 0.29
N CYS A 441 25.26 21.14 -10.13
CA CYS A 441 24.27 20.17 -9.69
C CYS A 441 24.61 18.72 -10.03
N PHE A 442 24.76 17.89 -9.01
CA PHE A 442 25.08 16.48 -9.19
C PHE A 442 23.92 15.76 -9.92
N PHE A 443 22.88 15.46 -9.15
CA PHE A 443 21.81 14.52 -9.53
C PHE A 443 20.74 15.10 -10.47
N GLN A 444 20.08 14.23 -11.23
CA GLN A 444 18.98 14.63 -12.08
C GLN A 444 17.74 13.75 -11.86
N GLY A 445 17.84 12.79 -10.95
CA GLY A 445 16.72 11.90 -10.61
C GLY A 445 16.63 11.65 -9.12
N ASP A 446 15.43 11.38 -8.63
CA ASP A 446 15.30 10.94 -7.25
C ASP A 446 13.91 10.31 -7.08
N HIS A 447 13.62 9.79 -5.88
CA HIS A 447 12.37 9.12 -5.63
C HIS A 447 12.16 9.24 -4.15
N GLY A 448 10.99 8.80 -3.65
CA GLY A 448 10.63 8.98 -2.25
C GLY A 448 9.24 9.60 -2.06
N PHE A 449 8.71 10.23 -3.10
CA PHE A 449 7.42 10.94 -3.10
C PHE A 449 6.23 10.02 -2.78
N ASP A 450 5.09 10.66 -2.53
CA ASP A 450 3.75 10.00 -2.37
C ASP A 450 3.63 8.76 -3.29
N ASN A 451 3.29 7.60 -2.72
CA ASN A 451 3.29 6.38 -3.55
C ASN A 451 2.17 6.31 -4.57
N LYS A 452 1.31 7.33 -4.63
CA LYS A 452 0.35 7.42 -5.74
C LYS A 452 0.93 8.00 -7.03
N VAL A 453 2.08 8.65 -6.94
CA VAL A 453 2.66 9.37 -8.08
C VAL A 453 3.07 8.42 -9.21
N ASN A 454 2.67 8.72 -10.43
CA ASN A 454 2.95 7.83 -11.56
C ASN A 454 4.45 7.47 -11.71
N SER A 455 5.32 8.46 -11.56
CA SER A 455 6.74 8.22 -11.77
C SER A 455 7.33 7.32 -10.68
N MET A 456 6.64 7.14 -9.55
CA MET A 456 7.14 6.24 -8.50
C MET A 456 6.70 4.78 -8.67
N GLN A 457 5.74 4.53 -9.57
CA GLN A 457 5.22 3.16 -9.76
C GLN A 457 6.33 2.25 -10.32
N THR A 458 6.24 0.95 -10.02
CA THR A 458 7.33 0.10 -10.38
C THR A 458 6.70 -1.13 -11.04
N VAL A 459 7.48 -2.19 -11.21
CA VAL A 459 7.09 -3.28 -12.11
C VAL A 459 6.82 -4.59 -11.34
N PHE A 460 5.99 -5.46 -11.94
CA PHE A 460 5.89 -6.84 -11.48
C PHE A 460 5.69 -7.80 -12.67
N VAL A 461 6.50 -8.87 -12.73
CA VAL A 461 6.24 -9.95 -13.71
C VAL A 461 6.43 -11.24 -12.95
N GLY A 462 5.51 -12.18 -13.13
CA GLY A 462 5.71 -13.53 -12.55
C GLY A 462 5.66 -14.52 -13.74
N TYR A 463 6.67 -15.38 -13.81
CA TYR A 463 6.79 -16.33 -14.89
C TYR A 463 7.10 -17.72 -14.31
N GLY A 464 6.36 -18.75 -14.68
CA GLY A 464 6.72 -20.07 -14.17
C GLY A 464 5.49 -20.96 -14.12
N PRO A 465 5.66 -22.21 -13.65
CA PRO A 465 4.52 -23.16 -13.62
C PRO A 465 3.37 -22.71 -12.73
N THR A 466 3.65 -21.94 -11.68
CA THR A 466 2.62 -21.58 -10.73
C THR A 466 1.88 -20.28 -11.10
N PHE A 467 2.49 -19.43 -11.93
CA PHE A 467 1.86 -18.28 -12.53
C PHE A 467 1.02 -18.60 -13.77
N LYS A 468 0.08 -17.74 -14.07
CA LYS A 468 -0.70 -17.90 -15.30
C LYS A 468 0.09 -17.60 -16.55
N TYR A 469 -0.41 -18.15 -17.64
CA TYR A 469 0.16 -17.97 -18.96
C TYR A 469 -0.44 -16.75 -19.68
N ARG A 470 0.42 -15.89 -20.23
CA ARG A 470 0.01 -14.67 -21.02
C ARG A 470 -1.13 -13.89 -20.41
N THR A 471 -1.00 -13.48 -19.15
CA THR A 471 -2.13 -12.92 -18.43
C THR A 471 -1.73 -11.55 -17.90
N LYS A 472 -2.60 -10.58 -18.10
CA LYS A 472 -2.40 -9.26 -17.51
C LYS A 472 -3.33 -9.19 -16.33
N VAL A 473 -2.83 -8.67 -15.20
CA VAL A 473 -3.64 -8.49 -14.03
C VAL A 473 -3.64 -6.99 -13.73
N PRO A 474 -4.65 -6.50 -12.98
CA PRO A 474 -4.70 -5.09 -12.65
C PRO A 474 -3.54 -4.68 -11.70
N PRO A 475 -3.22 -3.40 -11.63
CA PRO A 475 -2.20 -2.90 -10.72
C PRO A 475 -2.52 -3.31 -9.29
N PHE A 476 -1.52 -3.54 -8.46
CA PHE A 476 -1.75 -4.01 -7.10
C PHE A 476 -0.59 -3.48 -6.29
N GLU A 477 -0.73 -3.52 -4.98
CA GLU A 477 0.29 -2.97 -4.06
C GLU A 477 1.31 -4.02 -3.62
N ASN A 478 2.56 -3.58 -3.45
CA ASN A 478 3.62 -4.47 -3.14
C ASN A 478 3.49 -5.20 -1.77
N ILE A 479 2.70 -4.65 -0.85
CA ILE A 479 2.38 -5.33 0.42
C ILE A 479 1.72 -6.68 0.23
N GLU A 480 1.13 -6.90 -0.95
CA GLU A 480 0.44 -8.18 -1.21
C GLU A 480 1.35 -9.35 -1.58
N LEU A 481 2.61 -9.09 -1.95
CA LEU A 481 3.45 -10.12 -2.60
C LEU A 481 4.00 -11.14 -1.60
N TYR A 482 4.30 -10.71 -0.37
CA TYR A 482 4.79 -11.64 0.64
C TYR A 482 3.86 -12.88 0.77
N ASN A 483 2.56 -12.64 0.85
CA ASN A 483 1.57 -13.76 0.89
C ASN A 483 1.74 -14.69 -0.34
N VAL A 484 1.90 -14.12 -1.51
CA VAL A 484 2.01 -14.92 -2.73
C VAL A 484 3.35 -15.72 -2.79
N MET A 485 4.45 -15.08 -2.38
CA MET A 485 5.71 -15.78 -2.27
C MET A 485 5.59 -16.95 -1.28
N CYS A 486 4.87 -16.75 -0.17
CA CYS A 486 4.60 -17.83 0.78
C CYS A 486 3.79 -18.97 0.11
N ASP A 487 2.76 -18.59 -0.63
CA ASP A 487 1.91 -19.51 -1.39
C ASP A 487 2.77 -20.33 -2.36
N LEU A 488 3.69 -19.66 -3.07
CA LEU A 488 4.61 -20.30 -4.00
C LEU A 488 5.53 -21.32 -3.37
N LEU A 489 5.81 -21.16 -2.07
CA LEU A 489 6.70 -22.03 -1.35
C LEU A 489 5.98 -22.97 -0.38
N GLY A 490 4.65 -22.96 -0.37
CA GLY A 490 3.84 -23.78 0.56
C GLY A 490 4.01 -23.35 2.00
N LEU A 491 4.28 -22.05 2.24
CA LEU A 491 4.52 -21.52 3.59
C LEU A 491 3.26 -20.85 4.15
N LYS A 492 3.11 -20.83 5.47
CA LYS A 492 2.03 -20.12 6.10
C LYS A 492 2.63 -18.73 6.40
N PRO A 493 2.02 -17.65 5.86
CA PRO A 493 2.62 -16.31 6.03
C PRO A 493 2.54 -15.87 7.48
N ALA A 494 3.57 -15.20 7.98
CA ALA A 494 3.39 -14.48 9.26
C ALA A 494 2.29 -13.36 9.11
N PRO A 495 1.71 -12.90 10.24
CA PRO A 495 0.63 -11.90 10.17
C PRO A 495 1.09 -10.64 9.43
N ASN A 496 0.35 -10.19 8.43
CA ASN A 496 0.91 -9.06 7.63
C ASN A 496 -0.20 -8.16 7.10
N ASN A 497 0.15 -7.16 6.29
CA ASN A 497 -0.84 -6.19 5.84
C ASN A 497 -1.43 -6.49 4.45
N GLY A 498 -0.90 -7.51 3.80
CA GLY A 498 -1.53 -8.07 2.59
C GLY A 498 -2.94 -8.59 2.91
N THR A 499 -3.73 -8.84 1.88
CA THR A 499 -5.08 -9.39 2.08
C THR A 499 -5.01 -10.69 1.32
N HIS A 500 -4.89 -11.77 2.06
CA HIS A 500 -4.47 -13.04 1.48
C HIS A 500 -5.67 -13.57 0.71
N GLY A 501 -5.43 -13.79 -0.57
CA GLY A 501 -6.45 -14.17 -1.51
C GLY A 501 -6.72 -13.07 -2.52
N SER A 502 -6.29 -11.84 -2.25
CA SER A 502 -6.60 -10.76 -3.18
C SER A 502 -5.76 -10.87 -4.48
N LEU A 503 -4.65 -11.61 -4.45
CA LEU A 503 -3.85 -11.89 -5.67
C LEU A 503 -3.96 -13.34 -6.17
N ASN A 504 -5.01 -14.05 -5.77
CA ASN A 504 -5.20 -15.42 -6.34
C ASN A 504 -5.27 -15.47 -7.86
N HIS A 505 -5.83 -14.43 -8.45
CA HIS A 505 -5.92 -14.32 -9.89
C HIS A 505 -4.56 -14.21 -10.64
N LEU A 506 -3.45 -14.14 -9.92
CA LEU A 506 -2.15 -14.25 -10.57
C LEU A 506 -1.73 -15.70 -10.78
N LEU A 507 -2.39 -16.65 -10.11
CA LEU A 507 -1.82 -17.96 -9.94
C LEU A 507 -2.64 -19.03 -10.64
N ARG A 508 -1.92 -19.98 -11.23
CA ARG A 508 -2.55 -21.14 -11.87
C ARG A 508 -3.02 -22.08 -10.81
N THR A 509 -2.23 -22.26 -9.76
CA THR A 509 -2.56 -23.19 -8.66
C THR A 509 -1.96 -22.65 -7.36
N ASN A 510 -2.06 -23.39 -6.26
CA ASN A 510 -1.53 -22.98 -4.93
C ASN A 510 -2.35 -21.79 -4.42
N THR A 511 -3.55 -21.62 -4.95
CA THR A 511 -4.35 -20.47 -4.52
C THR A 511 -4.65 -20.65 -3.01
N PHE A 512 -5.03 -19.56 -2.36
CA PHE A 512 -5.33 -19.61 -0.94
C PHE A 512 -6.79 -19.33 -0.80
N ARG A 513 -7.52 -20.24 -0.14
CA ARG A 513 -8.97 -20.10 -0.18
C ARG A 513 -9.46 -19.56 1.15
N PRO A 514 -9.57 -18.21 1.28
CA PRO A 514 -9.97 -17.69 2.59
C PRO A 514 -11.48 -17.79 2.78
N THR A 515 -11.90 -17.70 4.02
CA THR A 515 -13.31 -17.71 4.38
C THR A 515 -13.59 -16.28 4.85
N MET A 516 -14.84 -15.84 4.73
CA MET A 516 -15.23 -14.53 5.24
C MET A 516 -15.13 -14.56 6.76
N PRO A 517 -14.70 -13.46 7.37
CA PRO A 517 -14.66 -13.47 8.83
C PRO A 517 -16.07 -13.63 9.42
N ASP A 518 -16.19 -14.28 10.57
CA ASP A 518 -17.50 -14.43 11.19
C ASP A 518 -17.95 -13.14 11.86
N GLU A 519 -19.24 -12.83 11.75
CA GLU A 519 -19.82 -11.68 12.44
C GLU A 519 -19.75 -11.96 13.92
N VAL A 520 -19.36 -10.97 14.70
CA VAL A 520 -19.25 -11.12 16.14
C VAL A 520 -20.50 -10.59 16.85
N SER A 521 -21.00 -9.42 16.46
CA SER A 521 -22.18 -8.88 17.10
C SER A 521 -23.34 -8.95 16.13
N ARG A 522 -24.45 -9.54 16.55
CA ARG A 522 -25.66 -9.43 15.75
C ARG A 522 -26.51 -8.21 16.12
N PRO A 523 -27.22 -7.65 15.15
CA PRO A 523 -27.95 -6.43 15.40
C PRO A 523 -29.28 -6.65 16.12
N ASN A 524 -29.75 -5.62 16.82
CA ASN A 524 -31.17 -5.54 17.20
C ASN A 524 -31.96 -4.87 16.07
N TYR A 525 -33.22 -5.27 15.92
CA TYR A 525 -34.15 -4.60 15.02
C TYR A 525 -35.27 -3.94 15.84
N PRO A 526 -35.02 -2.76 16.42
CA PRO A 526 -36.04 -2.10 17.25
C PRO A 526 -37.28 -1.59 16.50
N GLY A 527 -38.46 -1.80 17.09
CA GLY A 527 -39.69 -1.20 16.58
C GLY A 527 -40.00 0.08 17.36
N ILE A 528 -41.20 0.62 17.19
CA ILE A 528 -41.58 1.84 17.89
C ILE A 528 -41.78 1.56 19.38
N MET A 529 -40.95 2.18 20.22
CA MET A 529 -40.91 1.80 21.63
C MET A 529 -40.97 2.98 22.59
N TYR A 530 -40.89 4.20 22.07
CA TYR A 530 -40.81 5.43 22.88
C TYR A 530 -41.76 6.47 22.40
N LEU A 531 -42.33 7.20 23.35
CA LEU A 531 -43.21 8.32 23.01
C LEU A 531 -42.36 9.57 22.92
N GLN A 532 -42.73 10.45 22.01
CA GLN A 532 -42.07 11.74 21.75
C GLN A 532 -41.74 12.47 23.05
N SER A 533 -42.69 12.51 23.98
CA SER A 533 -42.53 13.26 25.22
C SER A 533 -41.50 12.64 26.18
N GLU A 534 -41.00 11.43 25.94
CA GLU A 534 -39.91 10.90 26.78
C GLU A 534 -38.56 11.51 26.47
N PHE A 535 -38.46 12.22 25.36
CA PHE A 535 -37.17 12.77 24.95
C PHE A 535 -37.06 14.20 25.45
N ASP A 536 -35.93 14.51 26.06
CA ASP A 536 -35.66 15.87 26.43
C ASP A 536 -34.27 16.19 25.92
N LEU A 537 -34.17 16.35 24.61
CA LEU A 537 -32.85 16.46 23.99
C LEU A 537 -32.63 17.89 23.61
N GLY A 538 -33.64 18.74 23.83
CA GLY A 538 -33.57 20.17 23.45
C GLY A 538 -33.61 20.35 21.96
N CYS A 539 -34.09 19.34 21.24
CA CYS A 539 -34.21 19.41 19.79
C CYS A 539 -35.58 19.93 19.45
N THR A 540 -35.71 20.61 18.32
CA THR A 540 -37.03 21.05 17.83
C THR A 540 -37.17 20.77 16.36
N CYS A 541 -38.40 20.49 15.93
CA CYS A 541 -38.68 20.39 14.51
C CYS A 541 -40.08 20.90 14.18
N ASP A 542 -40.17 21.70 13.12
CA ASP A 542 -41.45 22.12 12.56
C ASP A 542 -42.11 20.98 11.73
N ASP A 543 -42.78 20.05 12.41
CA ASP A 543 -43.26 18.86 11.69
C ASP A 543 -44.62 18.29 12.12
N LYS A 544 -45.39 19.05 12.92
CA LYS A 544 -46.70 18.57 13.41
C LYS A 544 -47.82 18.78 12.36
N VAL A 545 -47.72 18.07 11.22
CA VAL A 545 -48.72 18.17 10.14
C VAL A 545 -49.17 16.77 9.67
N GLU A 546 -50.48 16.55 9.59
CA GLU A 546 -51.10 15.20 9.46
C GLU A 546 -50.46 14.24 8.45
N ASN A 549 -54.43 8.76 7.26
CA ASN A 549 -54.53 8.37 5.86
C ASN A 549 -54.12 6.91 5.71
N LYS A 550 -55.09 6.04 5.40
CA LYS A 550 -54.83 4.56 5.34
C LYS A 550 -53.93 4.06 4.20
N LEU A 551 -54.12 4.59 2.98
CA LEU A 551 -53.28 4.24 1.82
C LEU A 551 -51.78 4.37 2.19
N GLU A 552 -51.39 5.59 2.54
CA GLU A 552 -49.99 5.96 2.75
C GLU A 552 -49.45 5.77 4.19
N GLU A 553 -50.26 5.18 5.07
CA GLU A 553 -49.81 4.83 6.43
C GLU A 553 -49.36 3.38 6.56
N LEU A 554 -49.92 2.51 5.73
CA LEU A 554 -49.37 1.15 5.60
C LEU A 554 -48.00 1.26 4.92
N ASN A 555 -47.90 2.28 4.06
CA ASN A 555 -46.69 2.60 3.29
C ASN A 555 -45.45 2.92 4.15
N LYS A 556 -45.58 3.95 4.99
CA LYS A 556 -44.52 4.38 5.94
C LYS A 556 -44.09 3.24 6.88
N ARG A 557 -45.07 2.45 7.35
CA ARG A 557 -44.85 1.24 8.17
C ARG A 557 -43.99 0.17 7.49
N LEU A 558 -44.28 -0.12 6.21
CA LEU A 558 -43.52 -1.14 5.46
C LEU A 558 -42.07 -0.68 5.24
N HIS A 559 -41.90 0.63 4.99
CA HIS A 559 -40.59 1.26 4.81
C HIS A 559 -39.73 1.12 6.06
N THR A 560 -40.35 1.37 7.20
CA THR A 560 -39.71 1.21 8.52
C THR A 560 -39.47 -0.27 8.89
N LYS A 561 -40.18 -1.22 8.25
CA LYS A 561 -39.92 -2.67 8.40
C LYS A 561 -38.89 -3.21 7.38
N GLY A 562 -38.45 -2.37 6.45
CA GLY A 562 -37.40 -2.73 5.52
C GLY A 562 -37.88 -3.05 4.11
N SER A 563 -39.03 -2.51 3.70
CA SER A 563 -39.57 -2.81 2.34
C SER A 563 -38.68 -2.35 1.16
N THR A 564 -38.07 -1.17 1.28
CA THR A 564 -37.13 -0.67 0.25
C THR A 564 -35.68 -1.15 0.48
N LYS A 565 -35.45 -2.04 1.47
CA LYS A 565 -34.06 -2.32 1.90
C LYS A 565 -33.18 -2.92 0.79
N GLU A 566 -33.80 -3.62 -0.17
CA GLU A 566 -33.09 -4.29 -1.25
C GLU A 566 -32.55 -3.26 -2.24
N ARG A 567 -33.13 -2.07 -2.24
CA ARG A 567 -32.72 -0.96 -3.09
C ARG A 567 -31.50 -0.26 -2.48
N HIS A 568 -31.45 -0.18 -1.16
CA HIS A 568 -30.45 0.68 -0.50
C HIS A 568 -29.27 -0.06 0.12
N LEU A 569 -29.46 -1.34 0.35
CA LEU A 569 -28.43 -2.23 0.81
C LEU A 569 -28.17 -3.33 -0.22
N LEU A 570 -27.29 -3.04 -1.16
CA LEU A 570 -27.11 -3.87 -2.35
C LEU A 570 -26.22 -5.08 -2.17
N TYR A 571 -25.32 -5.04 -1.18
CA TYR A 571 -24.31 -6.08 -1.01
C TYR A 571 -24.39 -6.73 0.35
N GLY A 572 -25.57 -6.68 0.95
CA GLY A 572 -25.76 -7.25 2.29
C GLY A 572 -25.44 -6.21 3.34
N ARG A 573 -25.85 -6.42 4.57
CA ARG A 573 -25.39 -5.47 5.57
C ARG A 573 -23.93 -5.80 5.95
N PRO A 574 -23.15 -4.78 6.26
CA PRO A 574 -21.78 -4.99 6.74
C PRO A 574 -21.80 -5.87 7.99
N ALA A 575 -20.78 -6.69 8.15
CA ALA A 575 -20.70 -7.49 9.37
C ALA A 575 -19.91 -6.71 10.41
N VAL A 576 -20.36 -6.75 11.67
CA VAL A 576 -19.62 -6.12 12.78
C VAL A 576 -18.71 -7.16 13.39
N LEU A 577 -17.39 -6.94 13.34
CA LEU A 577 -16.43 -7.98 13.73
C LEU A 577 -15.89 -7.78 15.13
N TYR A 578 -16.62 -7.05 15.95
CA TYR A 578 -16.18 -6.93 17.34
C TYR A 578 -17.45 -6.90 18.19
N ARG A 579 -17.29 -7.00 19.50
CA ARG A 579 -18.41 -7.08 20.45
C ARG A 579 -18.97 -5.69 20.74
N THR A 580 -20.24 -5.47 20.44
CA THR A 580 -20.84 -4.15 20.66
C THR A 580 -22.35 -4.28 20.62
N SER A 581 -23.05 -3.19 20.90
CA SER A 581 -24.49 -3.24 20.88
C SER A 581 -25.00 -2.25 19.84
N TYR A 582 -25.75 -2.71 18.84
CA TYR A 582 -26.15 -1.81 17.77
C TYR A 582 -27.47 -2.24 17.18
N ASP A 583 -28.16 -1.29 16.53
CA ASP A 583 -29.49 -1.50 15.96
C ASP A 583 -29.51 -1.30 14.47
N ILE A 584 -30.27 -2.12 13.73
CA ILE A 584 -30.53 -1.76 12.33
C ILE A 584 -31.76 -0.89 12.28
N LEU A 585 -31.68 0.22 11.56
CA LEU A 585 -32.80 1.14 11.36
C LEU A 585 -33.13 1.27 9.87
N TYR A 586 -34.37 0.92 9.50
CA TYR A 586 -34.78 1.05 8.11
C TYR A 586 -35.48 2.35 7.82
N HIS A 587 -35.33 2.88 6.61
CA HIS A 587 -36.06 4.06 6.21
C HIS A 587 -36.34 3.98 4.72
N THR A 588 -37.24 4.81 4.22
CA THR A 588 -37.57 4.81 2.78
C THR A 588 -36.32 4.92 1.90
N ASP A 589 -35.45 5.86 2.25
CA ASP A 589 -34.30 6.24 1.39
C ASP A 589 -32.91 5.68 1.81
N PHE A 590 -32.82 5.11 3.01
CA PHE A 590 -31.54 4.65 3.53
C PHE A 590 -31.72 3.68 4.69
N GLU A 591 -30.68 2.89 4.93
CA GLU A 591 -30.61 1.95 6.05
CA GLU A 591 -30.64 1.98 6.07
C GLU A 591 -29.33 2.23 6.84
N SER A 592 -29.40 2.05 8.16
CA SER A 592 -28.22 2.30 8.96
C SER A 592 -28.06 1.25 10.05
N GLY A 593 -26.83 1.13 10.53
CA GLY A 593 -26.55 0.30 11.70
C GLY A 593 -26.12 1.29 12.77
N TYR A 594 -26.96 1.45 13.78
CA TYR A 594 -26.81 2.53 14.76
C TYR A 594 -26.19 2.01 16.07
N SER A 595 -25.08 2.60 16.50
CA SER A 595 -24.34 2.09 17.64
C SER A 595 -24.86 2.75 18.92
N GLU A 596 -25.39 1.94 19.83
CA GLU A 596 -25.80 2.41 21.15
C GLU A 596 -24.62 2.86 22.01
N ILE A 597 -23.42 2.44 21.68
CA ILE A 597 -22.22 2.78 22.46
C ILE A 597 -21.69 4.14 21.97
N PHE A 598 -21.53 4.32 20.66
CA PHE A 598 -21.04 5.58 20.14
C PHE A 598 -22.11 6.65 19.88
N LEU A 599 -23.41 6.31 20.02
CA LEU A 599 -24.57 7.22 19.83
C LEU A 599 -24.70 7.76 18.38
N MET A 600 -24.28 6.95 17.42
CA MET A 600 -24.40 7.34 16.04
C MET A 600 -24.24 6.11 15.15
N PRO A 601 -24.58 6.24 13.86
CA PRO A 601 -24.39 5.08 13.01
C PRO A 601 -22.91 4.74 12.84
N LEU A 602 -22.67 3.44 12.70
CA LEU A 602 -21.36 2.90 12.35
C LEU A 602 -21.30 2.96 10.83
N TRP A 603 -22.48 2.88 10.22
CA TRP A 603 -22.59 2.89 8.74
C TRP A 603 -24.00 3.29 8.34
N THR A 604 -24.12 3.95 7.18
CA THR A 604 -25.41 4.36 6.63
C THR A 604 -25.30 4.02 5.12
N SER A 605 -26.27 3.29 4.57
CA SER A 605 -26.21 2.79 3.20
C SER A 605 -27.40 3.33 2.40
N TYR A 606 -27.13 3.89 1.23
CA TYR A 606 -28.22 4.38 0.39
C TYR A 606 -27.83 4.33 -1.08
N THR A 607 -28.82 4.14 -1.94
CA THR A 607 -28.59 4.12 -3.38
C THR A 607 -29.21 5.34 -4.03
N ILE A 608 -28.47 5.98 -4.95
CA ILE A 608 -28.87 7.17 -5.68
C ILE A 608 -28.81 6.82 -7.18
N SER A 609 -29.97 6.70 -7.81
CA SER A 609 -30.01 6.27 -9.21
C SER A 609 -29.56 7.44 -10.13
N LYS A 610 -29.24 7.13 -11.40
CA LYS A 610 -28.89 8.18 -12.36
C LYS A 610 -29.98 9.30 -12.48
N GLN A 611 -31.24 8.87 -12.39
CA GLN A 611 -32.43 9.74 -12.49
C GLN A 611 -32.71 10.60 -11.26
N ALA A 612 -32.23 10.18 -10.09
CA ALA A 612 -32.50 10.89 -8.81
C ALA A 612 -32.40 12.38 -8.94
N GLU A 613 -33.20 13.10 -8.16
CA GLU A 613 -33.16 14.56 -8.17
C GLU A 613 -32.65 15.14 -6.85
N VAL A 614 -31.84 16.19 -6.94
CA VAL A 614 -31.36 16.96 -5.79
C VAL A 614 -32.41 18.01 -5.46
N SER A 615 -32.78 18.10 -4.18
CA SER A 615 -33.68 19.16 -3.67
C SER A 615 -32.92 19.89 -2.59
N SER A 616 -33.45 21.01 -2.12
CA SER A 616 -32.83 21.71 -1.00
C SER A 616 -33.60 21.47 0.29
N ILE A 617 -32.96 21.78 1.42
CA ILE A 617 -33.64 21.70 2.70
C ILE A 617 -34.67 22.85 2.79
N PRO A 618 -35.99 22.52 2.84
CA PRO A 618 -36.98 23.58 3.09
C PRO A 618 -36.59 24.45 4.27
N GLU A 619 -37.00 25.72 4.22
CA GLU A 619 -36.70 26.70 5.26
C GLU A 619 -37.20 26.37 6.65
N HIS A 620 -38.43 25.86 6.73
CA HIS A 620 -38.99 25.48 8.02
C HIS A 620 -38.21 24.34 8.68
N LEU A 621 -37.48 23.57 7.88
CA LEU A 621 -36.74 22.41 8.37
C LEU A 621 -35.24 22.66 8.58
N THR A 622 -34.79 23.90 8.45
CA THR A 622 -33.36 24.24 8.55
C THR A 622 -32.67 23.69 9.82
N ASN A 623 -33.29 23.86 10.98
CA ASN A 623 -32.65 23.39 12.23
C ASN A 623 -33.43 22.25 12.89
N CYS A 624 -34.27 21.61 12.10
CA CYS A 624 -35.04 20.44 12.54
C CYS A 624 -34.14 19.22 12.93
N VAL A 625 -34.27 18.76 14.17
CA VAL A 625 -33.78 17.45 14.57
C VAL A 625 -34.96 16.74 15.26
N ARG A 626 -35.26 15.51 14.84
CA ARG A 626 -36.39 14.75 15.37
C ARG A 626 -35.94 13.53 16.20
N PRO A 627 -36.48 13.38 17.41
CA PRO A 627 -36.35 12.13 18.14
C PRO A 627 -36.72 10.88 17.33
N ASP A 628 -35.95 9.81 17.51
CA ASP A 628 -36.23 8.53 16.84
C ASP A 628 -36.90 7.62 17.85
N VAL A 629 -38.19 7.35 17.64
CA VAL A 629 -39.02 6.62 18.63
C VAL A 629 -38.67 5.11 18.70
N ARG A 630 -37.73 4.67 17.85
CA ARG A 630 -37.19 3.30 17.95
C ARG A 630 -35.99 3.20 18.92
N VAL A 631 -35.44 4.31 19.36
CA VAL A 631 -34.15 4.32 20.06
C VAL A 631 -34.27 5.14 21.34
N SER A 632 -33.89 4.59 22.50
CA SER A 632 -34.16 5.29 23.76
C SER A 632 -33.48 6.66 23.87
N PRO A 633 -34.10 7.62 24.64
CA PRO A 633 -33.43 8.89 24.89
C PRO A 633 -32.01 8.65 25.37
N GLY A 634 -31.82 7.64 26.22
CA GLY A 634 -30.52 7.36 26.84
C GLY A 634 -29.44 6.92 25.85
N PHE A 635 -29.86 6.47 24.66
CA PHE A 635 -28.91 6.05 23.62
C PHE A 635 -28.95 6.98 22.42
N SER A 636 -29.38 8.23 22.67
CA SER A 636 -29.54 9.23 21.60
C SER A 636 -28.59 10.38 21.85
N GLN A 637 -28.17 11.07 20.78
CA GLN A 637 -27.53 12.38 20.96
C GLN A 637 -28.56 13.41 21.42
N ASN A 638 -28.10 14.60 21.81
CA ASN A 638 -29.03 15.69 22.16
C ASN A 638 -28.54 16.96 21.53
N CYS A 639 -29.48 17.83 21.19
CA CYS A 639 -29.19 19.11 20.54
C CYS A 639 -28.56 20.13 21.49
N LEU A 640 -28.86 20.04 22.77
CA LEU A 640 -28.29 21.01 23.72
C LEU A 640 -26.76 20.99 23.76
N ALA A 641 -26.19 19.77 23.71
CA ALA A 641 -24.74 19.62 23.67
C ALA A 641 -24.11 20.37 22.50
N TYR A 642 -24.74 20.33 21.30
CA TYR A 642 -24.24 21.08 20.14
C TYR A 642 -24.38 22.57 20.32
N LYS A 643 -25.44 22.98 21.01
CA LYS A 643 -25.67 24.41 21.29
C LYS A 643 -24.59 24.93 22.22
N ASN A 644 -24.38 24.23 23.33
CA ASN A 644 -23.31 24.54 24.28
C ASN A 644 -21.88 24.46 23.71
N ASP A 645 -21.62 23.52 22.80
CA ASP A 645 -20.30 23.37 22.15
C ASP A 645 -20.15 24.39 21.04
N LYS A 646 -19.44 25.44 21.38
CA LYS A 646 -19.24 26.55 20.48
C LYS A 646 -18.33 26.18 19.30
N GLN A 647 -17.48 25.17 19.46
CA GLN A 647 -16.63 24.66 18.36
C GLN A 647 -17.34 23.64 17.43
N MET A 648 -18.33 22.93 17.96
CA MET A 648 -18.83 21.75 17.27
C MET A 648 -20.24 21.98 16.73
N SER A 649 -20.48 21.56 15.51
CA SER A 649 -21.81 21.58 14.97
C SER A 649 -22.18 20.14 14.58
N TYR A 650 -23.11 19.93 13.67
CA TYR A 650 -23.52 18.58 13.32
C TYR A 650 -23.87 18.51 11.85
N GLY A 651 -23.87 17.29 11.33
CA GLY A 651 -24.23 17.05 9.94
C GLY A 651 -25.02 15.75 9.93
N PHE A 652 -25.40 15.29 8.75
CA PHE A 652 -26.20 14.06 8.64
C PHE A 652 -25.48 13.09 7.71
N LEU A 653 -25.66 11.80 7.96
CA LEU A 653 -24.97 10.82 7.15
C LEU A 653 -25.73 10.55 5.85
N PHE A 654 -27.05 10.34 5.94
CA PHE A 654 -27.86 10.34 4.72
C PHE A 654 -28.20 11.80 4.46
N PRO A 655 -27.86 12.32 3.26
CA PRO A 655 -28.04 13.75 3.06
C PRO A 655 -29.55 14.11 2.82
N PRO A 656 -30.10 15.07 3.58
CA PRO A 656 -31.47 15.51 3.29
C PRO A 656 -31.71 15.94 1.83
N TYR A 657 -30.67 16.42 1.13
CA TYR A 657 -30.78 16.83 -0.29
C TYR A 657 -31.18 15.74 -1.23
N LEU A 658 -31.00 14.48 -0.84
CA LEU A 658 -31.29 13.40 -1.80
C LEU A 658 -32.49 12.55 -1.43
N SER A 659 -33.28 13.11 -0.53
CA SER A 659 -34.56 12.50 -0.13
C SER A 659 -35.45 12.26 -1.35
N SER A 660 -36.23 11.19 -1.33
CA SER A 660 -37.00 10.79 -2.51
C SER A 660 -38.32 11.55 -2.63
N SER A 661 -38.78 12.15 -1.53
CA SER A 661 -40.05 12.88 -1.51
C SER A 661 -40.05 13.83 -0.33
N PRO A 662 -40.87 14.90 -0.41
CA PRO A 662 -40.98 15.79 0.73
C PRO A 662 -41.27 15.01 1.99
N GLU A 663 -42.10 13.96 1.92
CA GLU A 663 -42.35 13.19 3.15
C GLU A 663 -41.17 12.31 3.64
N ALA A 664 -40.43 11.71 2.72
CA ALA A 664 -39.27 10.91 3.11
C ALA A 664 -38.22 11.80 3.77
N LYS A 665 -38.20 13.08 3.42
CA LYS A 665 -37.17 13.97 3.90
C LYS A 665 -37.13 14.05 5.42
N TYR A 666 -38.28 13.89 6.09
CA TYR A 666 -38.33 13.95 7.56
C TYR A 666 -37.45 12.90 8.21
N ASP A 667 -37.28 11.76 7.55
CA ASP A 667 -36.41 10.67 8.07
C ASP A 667 -34.97 11.13 8.18
N ALA A 668 -34.56 11.99 7.26
CA ALA A 668 -33.16 12.46 7.22
C ALA A 668 -32.82 13.37 8.42
N PHE A 669 -33.85 13.92 9.06
CA PHE A 669 -33.60 14.77 10.20
C PHE A 669 -33.69 14.05 11.53
N LEU A 670 -33.79 12.72 11.49
CA LEU A 670 -33.75 11.95 12.73
C LEU A 670 -32.44 12.10 13.49
N VAL A 671 -32.54 12.14 14.80
CA VAL A 671 -31.37 12.35 15.66
C VAL A 671 -30.42 11.16 15.50
N THR A 672 -30.94 10.05 14.98
CA THR A 672 -30.13 8.87 14.78
C THR A 672 -29.34 8.90 13.46
N ASN A 673 -29.47 9.98 12.69
CA ASN A 673 -28.77 10.12 11.39
C ASN A 673 -27.75 11.27 11.57
N MET A 674 -27.71 11.84 12.77
CA MET A 674 -26.87 13.00 13.05
C MET A 674 -25.48 12.60 13.54
N VAL A 675 -24.45 13.37 13.14
CA VAL A 675 -23.06 13.13 13.51
C VAL A 675 -22.36 14.44 13.77
N PRO A 676 -21.41 14.46 14.71
CA PRO A 676 -20.80 15.75 15.00
C PRO A 676 -19.81 16.18 13.91
N MET A 677 -19.85 17.48 13.59
CA MET A 677 -19.04 18.05 12.53
C MET A 677 -18.65 19.46 12.85
N TYR A 678 -17.35 19.71 12.77
CA TYR A 678 -16.82 21.06 12.83
C TYR A 678 -17.37 21.86 11.67
N PRO A 679 -17.71 23.14 11.90
CA PRO A 679 -18.19 23.99 10.79
C PRO A 679 -17.25 23.95 9.59
N ALA A 680 -15.92 23.93 9.80
CA ALA A 680 -15.01 23.94 8.65
C ALA A 680 -15.15 22.65 7.83
N PHE A 681 -15.39 21.55 8.53
CA PHE A 681 -15.61 20.29 7.80
C PHE A 681 -16.99 20.21 7.12
N LYS A 682 -17.98 20.88 7.69
CA LYS A 682 -19.31 20.91 7.07
C LYS A 682 -19.30 21.49 5.68
N ARG A 683 -18.46 22.50 5.45
CA ARG A 683 -18.21 22.94 4.08
C ARG A 683 -17.83 21.78 3.15
N VAL A 684 -16.91 20.90 3.59
CA VAL A 684 -16.47 19.76 2.76
C VAL A 684 -17.64 18.80 2.52
N TRP A 685 -18.23 18.38 3.65
CA TRP A 685 -19.27 17.36 3.67
C TRP A 685 -20.53 17.75 2.87
N ALA A 686 -20.96 18.99 3.03
CA ALA A 686 -22.16 19.49 2.33
C ALA A 686 -21.92 19.50 0.81
N TYR A 687 -20.71 19.85 0.39
CA TYR A 687 -20.44 19.86 -1.05
C TYR A 687 -20.42 18.42 -1.60
N PHE A 688 -19.76 17.51 -0.87
CA PHE A 688 -19.82 16.09 -1.24
C PHE A 688 -21.27 15.60 -1.44
N GLN A 689 -22.10 15.85 -0.43
CA GLN A 689 -23.49 15.32 -0.42
C GLN A 689 -24.42 16.04 -1.41
N ARG A 690 -24.29 17.36 -1.54
CA ARG A 690 -25.15 18.16 -2.42
C ARG A 690 -24.76 18.07 -3.90
N VAL A 691 -23.45 18.12 -4.17
CA VAL A 691 -22.95 18.17 -5.55
C VAL A 691 -22.33 16.85 -6.02
N LEU A 692 -21.38 16.35 -5.26
CA LEU A 692 -20.58 15.24 -5.74
C LEU A 692 -21.33 13.91 -5.85
N VAL A 693 -22.18 13.60 -4.88
CA VAL A 693 -22.89 12.30 -4.98
C VAL A 693 -23.74 12.25 -6.26
N LYS A 694 -24.48 13.33 -6.53
CA LYS A 694 -25.32 13.36 -7.76
C LYS A 694 -24.44 13.27 -9.01
N LYS A 695 -23.31 13.98 -8.99
CA LYS A 695 -22.35 13.89 -10.11
C LYS A 695 -21.87 12.47 -10.36
N TYR A 696 -21.51 11.74 -9.29
CA TYR A 696 -21.05 10.34 -9.52
C TYR A 696 -22.19 9.47 -10.02
N ALA A 697 -23.40 9.71 -9.51
CA ALA A 697 -24.53 8.89 -9.94
C ALA A 697 -24.77 9.08 -11.43
N SER A 698 -24.60 10.32 -11.90
CA SER A 698 -24.81 10.62 -13.33
C SER A 698 -23.73 9.97 -14.17
N GLU A 699 -22.47 10.15 -13.76
CA GLU A 699 -21.32 9.56 -14.44
C GLU A 699 -21.27 8.02 -14.40
N ARG A 700 -21.72 7.38 -13.31
CA ARG A 700 -21.52 5.93 -13.14
CA ARG A 700 -21.52 5.92 -13.14
C ARG A 700 -22.79 5.10 -13.33
N ASN A 701 -23.87 5.80 -13.69
CA ASN A 701 -25.18 5.16 -13.85
C ASN A 701 -25.71 4.63 -12.50
N GLY A 702 -25.90 5.55 -11.57
CA GLY A 702 -26.28 5.18 -10.21
C GLY A 702 -25.02 4.87 -9.39
N VAL A 703 -25.09 5.20 -8.10
CA VAL A 703 -24.13 4.68 -7.10
C VAL A 703 -24.84 4.24 -5.84
N ASN A 704 -24.24 3.25 -5.17
CA ASN A 704 -24.57 2.96 -3.81
C ASN A 704 -23.52 3.60 -2.92
N VAL A 705 -23.95 4.27 -1.86
CA VAL A 705 -23.02 4.95 -0.94
C VAL A 705 -23.15 4.33 0.45
N ILE A 706 -22.02 4.01 1.06
CA ILE A 706 -21.98 3.71 2.50
C ILE A 706 -21.03 4.72 3.15
N SER A 707 -21.54 5.45 4.14
CA SER A 707 -20.78 6.44 4.82
C SER A 707 -20.81 6.18 6.30
N GLY A 708 -19.82 6.72 7.01
CA GLY A 708 -19.84 6.51 8.47
C GLY A 708 -18.70 7.27 9.11
N PRO A 709 -18.66 7.28 10.44
CA PRO A 709 -17.58 7.89 11.18
C PRO A 709 -16.40 6.92 11.35
N ILE A 710 -15.22 7.48 11.57
CA ILE A 710 -14.03 6.70 11.96
C ILE A 710 -13.41 7.31 13.23
N PHE A 711 -13.00 6.45 14.16
CA PHE A 711 -12.26 6.97 15.36
C PHE A 711 -10.86 6.36 15.39
N ASP A 712 -9.82 7.17 15.15
CA ASP A 712 -8.48 6.64 15.22
C ASP A 712 -7.60 7.64 15.96
N TYR A 713 -7.85 7.80 17.26
CA TYR A 713 -7.09 8.77 18.04
C TYR A 713 -5.63 8.38 18.28
N ASN A 714 -5.31 7.08 18.25
CA ASN A 714 -3.91 6.67 18.39
C ASN A 714 -3.21 6.41 17.04
N TYR A 715 -3.84 6.88 15.96
CA TYR A 715 -3.29 6.79 14.60
C TYR A 715 -2.59 5.46 14.24
N ASP A 716 -3.21 4.34 14.63
CA ASP A 716 -2.61 3.04 14.31
C ASP A 716 -3.30 2.34 13.15
N GLY A 717 -4.26 3.04 12.54
CA GLY A 717 -4.99 2.53 11.35
C GLY A 717 -6.08 1.53 11.75
N LEU A 718 -6.32 1.39 13.05
CA LEU A 718 -7.25 0.37 13.56
C LEU A 718 -8.34 1.02 14.38
N ARG A 719 -9.55 0.43 14.34
CA ARG A 719 -10.70 0.96 15.04
C ARG A 719 -10.38 1.22 16.54
N ASP A 720 -10.68 2.40 17.09
CA ASP A 720 -10.52 2.64 18.53
C ASP A 720 -11.64 2.00 19.32
N THR A 721 -11.30 1.52 20.51
CA THR A 721 -12.31 1.18 21.50
C THR A 721 -12.79 2.46 22.16
N GLU A 722 -13.90 2.38 22.90
CA GLU A 722 -14.48 3.50 23.64
C GLU A 722 -13.50 4.25 24.51
N ASP A 723 -12.65 3.49 25.17
CA ASP A 723 -11.73 4.11 26.13
C ASP A 723 -10.50 4.73 25.49
N GLU A 724 -10.46 4.78 24.15
CA GLU A 724 -9.36 5.45 23.42
C GLU A 724 -9.75 6.84 22.86
N ILE A 725 -11.03 7.20 23.05
CA ILE A 725 -11.57 8.42 22.47
C ILE A 725 -11.06 9.65 23.23
N LYS A 726 -10.43 10.58 22.53
CA LYS A 726 -9.84 11.73 23.24
C LYS A 726 -10.70 12.97 23.29
N GLN A 727 -11.80 12.98 22.54
CA GLN A 727 -12.61 14.19 22.37
CA GLN A 727 -12.62 14.18 22.38
C GLN A 727 -14.11 13.85 22.22
N TYR A 728 -14.93 14.59 22.95
CA TYR A 728 -16.40 14.40 23.04
C TYR A 728 -17.00 15.76 22.77
N VAL A 729 -18.22 15.77 22.29
CA VAL A 729 -18.99 17.01 22.21
C VAL A 729 -19.17 17.49 23.65
N GLU A 730 -18.90 18.76 23.86
CA GLU A 730 -18.83 19.33 25.22
C GLU A 730 -20.04 19.01 26.07
N GLY A 731 -19.77 18.45 27.25
CA GLY A 731 -20.79 18.20 28.25
C GLY A 731 -21.57 16.95 27.94
N SER A 732 -21.05 16.08 27.06
CA SER A 732 -21.84 14.95 26.62
C SER A 732 -20.96 13.74 26.48
N SER A 733 -21.58 12.63 26.14
CA SER A 733 -20.85 11.40 25.87
C SER A 733 -20.85 11.08 24.35
N ILE A 734 -21.08 12.09 23.53
CA ILE A 734 -21.03 11.93 22.06
C ILE A 734 -19.55 12.04 21.64
N PRO A 735 -18.96 10.93 21.13
CA PRO A 735 -17.55 10.97 20.73
C PRO A 735 -17.36 11.67 19.38
N VAL A 736 -16.22 12.33 19.20
CA VAL A 736 -15.96 13.07 18.00
C VAL A 736 -15.11 12.22 17.06
N PRO A 737 -15.61 11.94 15.85
CA PRO A 737 -14.82 11.17 14.90
C PRO A 737 -13.53 11.91 14.48
N THR A 738 -12.49 11.16 14.20
CA THR A 738 -11.23 11.71 13.65
C THR A 738 -11.39 11.82 12.12
N HIS A 739 -12.28 11.02 11.56
CA HIS A 739 -12.42 10.96 10.11
C HIS A 739 -13.84 10.58 9.74
N TYR A 740 -14.24 10.89 8.50
CA TYR A 740 -15.49 10.33 7.90
C TYR A 740 -15.18 9.59 6.62
N TYR A 741 -15.77 8.41 6.42
CA TYR A 741 -15.49 7.62 5.19
C TYR A 741 -16.71 7.60 4.28
N SER A 742 -16.47 7.35 3.00
CA SER A 742 -17.59 6.90 2.14
C SER A 742 -17.07 5.86 1.16
N ILE A 743 -17.91 4.87 0.84
CA ILE A 743 -17.58 3.84 -0.10
C ILE A 743 -18.65 3.95 -1.18
N ILE A 744 -18.23 4.10 -2.42
CA ILE A 744 -19.16 4.43 -3.50
C ILE A 744 -19.01 3.35 -4.53
N THR A 745 -20.03 2.51 -4.66
CA THR A 745 -19.97 1.34 -5.49
C THR A 745 -20.97 1.51 -6.65
N SER A 746 -20.59 1.02 -7.83
CA SER A 746 -21.51 0.92 -8.97
C SER A 746 -21.11 -0.30 -9.84
N CYS A 747 -21.73 -0.44 -11.00
CA CYS A 747 -21.46 -1.60 -11.87
C CYS A 747 -20.25 -1.28 -12.72
N LEU A 748 -19.34 -2.24 -12.88
CA LEU A 748 -18.15 -1.97 -13.70
C LEU A 748 -18.61 -1.78 -15.16
N ASP A 749 -19.63 -2.54 -15.54
CA ASP A 749 -20.31 -2.29 -16.83
C ASP A 749 -21.32 -1.17 -16.63
N PHE A 750 -20.90 0.07 -16.85
CA PHE A 750 -21.75 1.24 -16.57
C PHE A 750 -22.99 1.38 -17.48
N THR A 751 -23.22 0.39 -18.36
CA THR A 751 -24.48 0.33 -19.11
C THR A 751 -25.56 -0.28 -18.25
N GLN A 752 -25.18 -0.89 -17.11
CA GLN A 752 -26.16 -1.39 -16.16
C GLN A 752 -26.23 -0.48 -14.94
N PRO A 753 -27.46 -0.19 -14.44
CA PRO A 753 -27.55 0.70 -13.29
C PRO A 753 -27.00 0.02 -12.04
N ALA A 754 -26.49 0.82 -11.11
CA ALA A 754 -25.93 0.26 -9.88
C ALA A 754 -26.85 -0.78 -9.20
N ASP A 755 -28.16 -0.51 -9.16
CA ASP A 755 -29.06 -1.44 -8.46
C ASP A 755 -29.49 -2.65 -9.30
N LYS A 756 -28.98 -2.78 -10.52
CA LYS A 756 -29.33 -3.94 -11.37
C LYS A 756 -28.13 -4.42 -12.16
N CYS A 757 -27.08 -4.80 -11.45
CA CYS A 757 -25.77 -5.05 -12.02
C CYS A 757 -25.53 -6.56 -11.97
N ASP A 758 -25.19 -7.16 -13.10
CA ASP A 758 -25.07 -8.61 -13.18
C ASP A 758 -23.65 -9.17 -13.03
N GLY A 759 -22.63 -8.31 -13.08
CA GLY A 759 -21.25 -8.79 -13.00
C GLY A 759 -20.33 -8.01 -12.05
N PRO A 760 -19.09 -7.81 -12.46
CA PRO A 760 -18.12 -7.14 -11.58
C PRO A 760 -18.53 -5.72 -11.16
N LEU A 761 -18.04 -5.31 -9.97
CA LEU A 761 -18.35 -4.01 -9.40
C LEU A 761 -17.19 -3.08 -9.64
N SER A 762 -17.43 -1.78 -9.40
CA SER A 762 -16.43 -0.72 -9.48
C SER A 762 -16.59 0.13 -8.18
N VAL A 763 -15.49 0.50 -7.55
CA VAL A 763 -15.57 1.21 -6.27
C VAL A 763 -14.56 2.34 -6.25
N SER A 764 -14.91 3.44 -5.58
CA SER A 764 -13.94 4.40 -5.07
C SER A 764 -14.36 4.76 -3.63
N SER A 765 -13.39 5.11 -2.80
CA SER A 765 -13.66 5.35 -1.40
C SER A 765 -12.76 6.44 -0.93
N PHE A 766 -13.09 7.03 0.20
CA PHE A 766 -12.26 8.04 0.81
C PHE A 766 -12.42 8.02 2.32
N ILE A 767 -11.40 8.55 2.99
CA ILE A 767 -11.41 8.68 4.45
C ILE A 767 -10.99 10.14 4.71
N LEU A 768 -11.96 11.00 4.91
CA LEU A 768 -11.65 12.44 5.03
C LEU A 768 -11.31 12.74 6.46
N PRO A 769 -10.20 13.47 6.69
CA PRO A 769 -9.91 13.84 8.06
C PRO A 769 -10.93 14.87 8.57
N HIS A 770 -11.38 14.71 9.81
CA HIS A 770 -12.41 15.56 10.37
C HIS A 770 -11.70 16.71 11.09
N ARG A 771 -11.40 17.78 10.37
CA ARG A 771 -10.55 18.87 10.94
C ARG A 771 -11.33 20.16 11.18
N PRO A 772 -10.99 20.90 12.27
CA PRO A 772 -11.68 22.12 12.63
C PRO A 772 -11.28 23.31 11.76
N ASP A 773 -10.34 23.13 10.85
CA ASP A 773 -9.94 24.18 9.91
C ASP A 773 -9.69 23.51 8.57
N ASN A 774 -9.61 24.30 7.52
CA ASN A 774 -9.21 23.78 6.26
C ASN A 774 -7.81 24.26 5.88
N ASP A 775 -6.91 24.31 6.85
CA ASP A 775 -5.51 24.74 6.62
C ASP A 775 -4.81 23.89 5.55
N GLU A 776 -5.12 22.60 5.52
CA GLU A 776 -4.64 21.71 4.48
C GLU A 776 -4.92 22.17 3.06
N SER A 777 -6.05 22.83 2.82
CA SER A 777 -6.36 23.27 1.48
C SER A 777 -6.08 24.79 1.35
N CYS A 778 -5.01 25.12 0.66
CA CYS A 778 -4.53 26.50 0.58
C CYS A 778 -5.52 27.45 -0.11
N ASN A 779 -6.39 26.95 -0.98
CA ASN A 779 -7.43 27.74 -1.65
C ASN A 779 -8.84 27.60 -1.07
N SER A 780 -8.94 27.25 0.21
CA SER A 780 -10.26 27.03 0.83
C SER A 780 -11.13 28.26 1.09
N SER A 781 -10.56 29.45 0.98
CA SER A 781 -11.38 30.67 1.06
C SER A 781 -12.22 30.83 -0.23
N GLU A 782 -11.91 30.07 -1.27
CA GLU A 782 -12.69 30.08 -2.49
C GLU A 782 -13.87 29.10 -2.43
N ASP A 783 -14.69 29.13 -3.48
CA ASP A 783 -15.86 28.28 -3.55
C ASP A 783 -15.44 26.82 -3.46
N GLU A 784 -16.24 26.01 -2.78
CA GLU A 784 -15.97 24.58 -2.65
C GLU A 784 -15.71 23.88 -3.99
N SER A 785 -16.25 24.44 -5.07
CA SER A 785 -16.04 23.85 -6.41
C SER A 785 -14.59 23.97 -6.89
N LYS A 786 -13.79 24.75 -6.18
CA LYS A 786 -12.38 24.94 -6.51
C LYS A 786 -11.39 24.16 -5.64
N TRP A 787 -11.84 23.49 -4.57
CA TRP A 787 -10.91 22.83 -3.68
C TRP A 787 -11.35 21.53 -2.98
N VAL A 788 -12.65 21.25 -2.90
CA VAL A 788 -13.13 20.13 -2.10
C VAL A 788 -12.83 18.81 -2.82
N GLU A 789 -13.11 18.74 -4.11
CA GLU A 789 -12.87 17.51 -4.79
C GLU A 789 -11.35 17.12 -4.80
N GLU A 790 -10.48 18.12 -4.91
CA GLU A 790 -9.04 17.93 -4.79
C GLU A 790 -8.66 17.35 -3.40
N LEU A 791 -9.31 17.83 -2.35
CA LEU A 791 -9.10 17.28 -1.02
C LEU A 791 -9.54 15.81 -0.91
N MET A 792 -10.71 15.52 -1.47
CA MET A 792 -11.23 14.16 -1.45
C MET A 792 -10.33 13.22 -2.18
N LYS A 793 -9.80 13.65 -3.33
CA LYS A 793 -8.88 12.84 -4.11
C LYS A 793 -7.61 12.49 -3.34
N MET A 794 -7.07 13.47 -2.61
CA MET A 794 -5.88 13.30 -1.83
C MET A 794 -6.12 12.23 -0.74
N HIS A 795 -7.35 12.13 -0.28
CA HIS A 795 -7.72 11.19 0.80
C HIS A 795 -8.50 10.00 0.29
N THR A 796 -8.26 9.67 -0.98
CA THR A 796 -8.74 8.41 -1.54
C THR A 796 -8.26 7.19 -0.69
N ALA A 797 -9.07 6.12 -0.63
CA ALA A 797 -8.73 4.97 0.21
C ALA A 797 -9.25 3.66 -0.39
N ARG A 798 -8.71 2.56 0.14
CA ARG A 798 -9.19 1.21 -0.17
C ARG A 798 -10.31 0.88 0.79
N VAL A 799 -11.31 0.11 0.33
CA VAL A 799 -12.27 -0.42 1.26
C VAL A 799 -11.57 -1.12 2.43
N ARG A 800 -10.47 -1.84 2.15
CA ARG A 800 -9.78 -2.57 3.20
C ARG A 800 -9.26 -1.61 4.30
N ASP A 801 -8.87 -0.40 3.90
CA ASP A 801 -8.37 0.59 4.89
C ASP A 801 -9.53 0.95 5.84
N ILE A 802 -10.74 1.08 5.28
CA ILE A 802 -11.93 1.45 6.03
C ILE A 802 -12.32 0.28 6.94
N GLU A 803 -12.18 -0.94 6.43
CA GLU A 803 -12.46 -2.13 7.29
C GLU A 803 -11.57 -2.15 8.56
N HIS A 804 -10.28 -1.92 8.39
CA HIS A 804 -9.36 -1.88 9.55
C HIS A 804 -9.82 -0.81 10.54
N LEU A 805 -10.20 0.35 10.01
CA LEU A 805 -10.50 1.52 10.83
C LEU A 805 -11.86 1.44 11.54
N THR A 806 -12.76 0.57 11.06
CA THR A 806 -14.13 0.50 11.59
C THR A 806 -14.50 -0.87 12.18
N GLY A 807 -13.71 -1.91 11.93
CA GLY A 807 -14.08 -3.27 12.42
C GLY A 807 -15.31 -3.79 11.71
N LEU A 808 -15.55 -3.29 10.50
CA LEU A 808 -16.67 -3.76 9.64
C LEU A 808 -16.16 -4.58 8.45
N ASP A 809 -17.01 -5.43 7.91
CA ASP A 809 -16.65 -6.21 6.73
C ASP A 809 -17.80 -6.02 5.72
N PHE A 810 -17.48 -5.52 4.53
CA PHE A 810 -18.42 -5.07 3.52
C PHE A 810 -18.53 -6.15 2.41
N TYR A 811 -19.46 -5.95 1.48
CA TYR A 811 -19.68 -6.89 0.37
C TYR A 811 -19.89 -8.33 0.81
N ARG A 812 -20.63 -8.53 1.90
CA ARG A 812 -20.92 -9.88 2.41
C ARG A 812 -21.84 -10.70 1.51
N LYS A 813 -22.67 -10.07 0.70
CA LYS A 813 -23.64 -10.80 -0.11
C LYS A 813 -23.65 -10.25 -1.51
N THR A 814 -22.87 -10.87 -2.38
CA THR A 814 -22.88 -10.46 -3.79
C THR A 814 -22.89 -11.76 -4.57
N SER A 815 -22.96 -11.67 -5.88
CA SER A 815 -22.91 -12.90 -6.66
C SER A 815 -21.47 -13.16 -7.14
N ARG A 816 -20.49 -12.40 -6.61
CA ARG A 816 -19.12 -12.58 -7.08
C ARG A 816 -18.30 -13.53 -6.18
N SER A 817 -17.22 -14.08 -6.73
CA SER A 817 -16.35 -14.97 -5.97
C SER A 817 -15.64 -14.14 -4.87
N TYR A 818 -15.30 -14.78 -3.76
CA TYR A 818 -14.76 -14.03 -2.63
C TYR A 818 -13.39 -13.44 -2.98
N SER A 819 -12.60 -14.20 -3.74
CA SER A 819 -11.30 -13.69 -4.22
C SER A 819 -11.46 -12.45 -5.00
N GLU A 820 -12.48 -12.39 -5.83
CA GLU A 820 -12.73 -11.21 -6.67
C GLU A 820 -13.11 -10.01 -5.79
N ILE A 821 -13.85 -10.30 -4.73
CA ILE A 821 -14.27 -9.27 -3.77
C ILE A 821 -13.06 -8.80 -2.98
N LEU A 822 -12.14 -9.68 -2.64
CA LEU A 822 -10.91 -9.25 -1.95
C LEU A 822 -10.08 -8.30 -2.79
N THR A 823 -9.93 -8.62 -4.07
CA THR A 823 -9.31 -7.70 -5.02
C THR A 823 -9.99 -6.33 -5.07
N LEU A 824 -11.30 -6.30 -5.20
CA LEU A 824 -12.10 -5.06 -5.13
C LEU A 824 -11.85 -4.26 -3.82
N LYS A 825 -11.77 -4.99 -2.71
CA LYS A 825 -11.54 -4.33 -1.41
C LYS A 825 -10.11 -3.73 -1.30
N THR A 826 -9.15 -4.25 -2.06
CA THR A 826 -7.81 -3.65 -2.09
C THR A 826 -7.59 -2.58 -3.15
N TYR A 827 -8.58 -2.40 -4.04
CA TYR A 827 -8.49 -1.37 -5.09
C TYR A 827 -8.33 0.04 -4.55
N LEU A 828 -7.44 0.81 -5.16
CA LEU A 828 -7.30 2.23 -4.78
C LEU A 828 -7.52 3.08 -6.01
N HIS A 829 -8.47 4.01 -5.96
CA HIS A 829 -8.68 4.91 -7.08
C HIS A 829 -7.68 6.08 -6.94
N THR A 830 -6.69 6.19 -7.82
CA THR A 830 -5.57 7.15 -7.55
C THR A 830 -5.72 8.54 -8.16
N TYR A 831 -6.56 8.67 -9.19
CA TYR A 831 -6.76 9.98 -9.89
C TYR A 831 -5.52 10.56 -10.61
N GLU A 832 -4.53 9.71 -10.88
CA GLU A 832 -3.39 10.05 -11.68
C GLU A 832 -3.83 9.84 -13.13
N SER A 833 -3.23 10.53 -14.08
CA SER A 833 -3.51 10.19 -15.49
C SER A 833 -2.80 8.88 -15.94
N GLU A 834 -2.83 8.59 -17.23
CA GLU A 834 -2.30 7.31 -17.77
C GLU A 834 -0.77 7.27 -17.79
C1 NAG B . -0.25 -4.54 9.67
C2 NAG B . -1.31 -3.93 10.57
C3 NAG B . -0.81 -3.93 12.01
C4 NAG B . -0.27 -5.29 12.45
C5 NAG B . 0.64 -5.93 11.40
C6 NAG B . 1.00 -7.40 11.74
C7 NAG B . -2.92 -2.31 9.74
C8 NAG B . -3.21 -0.88 9.36
N2 NAG B . -1.67 -2.57 10.19
O3 NAG B . -1.83 -3.56 12.91
O4 NAG B . 0.54 -4.99 13.57
O5 NAG B . 0.06 -5.86 10.11
O6 NAG B . -0.24 -8.11 11.87
O7 NAG B . -3.80 -3.20 9.58
C1 NAG B . 0.29 -5.86 14.69
C2 NAG B . 1.58 -5.91 15.54
C3 NAG B . 1.29 -6.65 16.84
C4 NAG B . 0.07 -6.07 17.58
C5 NAG B . -1.18 -5.89 16.68
C6 NAG B . -2.21 -4.94 17.34
C7 NAG B . 3.60 -5.96 14.10
C8 NAG B . 4.62 -6.83 13.37
N2 NAG B . 2.64 -6.57 14.79
O3 NAG B . 2.46 -6.57 17.63
O4 NAG B . -0.31 -6.84 18.72
O5 NAG B . -0.81 -5.35 15.41
O6 NAG B . -1.69 -3.60 17.42
O7 NAG B . 3.69 -4.74 14.00
C1 BMA B . 0.37 -6.39 19.93
C2 BMA B . -0.61 -6.40 21.12
C3 BMA B . 0.10 -6.26 22.50
C4 BMA B . 1.36 -7.13 22.57
C5 BMA B . 2.25 -6.91 21.36
C6 BMA B . 3.48 -7.80 21.35
O2 BMA B . -1.32 -7.60 21.02
O3 BMA B . -0.79 -6.61 23.57
O4 BMA B . 2.12 -6.85 23.72
O5 BMA B . 1.52 -7.20 20.18
O6 BMA B . 4.29 -7.25 20.35
C1 MAN B . 5.55 -7.92 20.13
C2 MAN B . 6.48 -6.97 19.35
C3 MAN B . 6.20 -7.00 17.82
C4 MAN B . 6.17 -8.46 17.32
C5 MAN B . 5.17 -9.30 18.13
C6 MAN B . 5.09 -10.77 17.66
O2 MAN B . 7.85 -7.23 19.61
O3 MAN B . 7.14 -6.23 17.08
O4 MAN B . 5.89 -8.50 15.93
O5 MAN B . 5.46 -9.23 19.52
O6 MAN B . 6.36 -11.41 17.49
C1 MAN B . 6.91 -4.79 17.18
C2 MAN B . 7.03 -4.11 15.81
C3 MAN B . 8.49 -4.25 15.34
C4 MAN B . 9.50 -3.72 16.38
C5 MAN B . 9.14 -3.99 17.85
C6 MAN B . 9.67 -2.78 18.64
O2 MAN B . 6.71 -2.73 15.95
O3 MAN B . 8.74 -3.56 14.13
O4 MAN B . 10.78 -4.22 16.06
O5 MAN B . 7.74 -4.12 18.12
O6 MAN B . 9.07 -2.73 19.91
C1 MAN B . 5.39 -2.31 15.50
C2 MAN B . 5.46 -0.78 15.35
C3 MAN B . 5.40 -0.10 16.71
C4 MAN B . 4.22 -0.60 17.56
C5 MAN B . 4.20 -2.14 17.65
C6 MAN B . 2.99 -2.67 18.43
O2 MAN B . 4.39 -0.25 14.57
O3 MAN B . 5.28 1.27 16.47
O4 MAN B . 4.23 -0.02 18.85
O5 MAN B . 4.30 -2.73 16.35
O6 MAN B . 3.21 -3.98 18.89
C1 MAN B . -1.40 -5.50 24.31
C2 MAN B . -1.39 -5.78 25.84
C3 MAN B . -2.54 -6.67 26.37
C4 MAN B . -3.87 -6.36 25.67
C5 MAN B . -3.59 -6.33 24.16
C6 MAN B . -4.83 -6.46 23.27
O2 MAN B . -1.45 -4.56 26.53
O3 MAN B . -2.75 -6.49 27.76
O4 MAN B . -4.82 -7.37 25.98
O5 MAN B . -2.73 -5.20 23.90
O6 MAN B . -4.94 -7.81 22.87
C1 MAN B . -0.31 -4.44 27.42
C2 MAN B . -0.80 -3.85 28.76
C3 MAN B . -1.30 -2.41 28.51
C4 MAN B . -0.24 -1.58 27.78
C5 MAN B . 0.27 -2.32 26.51
C6 MAN B . 1.38 -1.59 25.74
O2 MAN B . 0.25 -3.89 29.72
O3 MAN B . -1.75 -1.78 29.69
O4 MAN B . -0.76 -0.31 27.45
O5 MAN B . 0.72 -3.64 26.85
O6 MAN B . 2.55 -1.49 26.53
C10 XWC C . 16.16 -4.43 2.58
C11 XWC C . 16.66 -5.59 3.39
C13 XWC C . 15.16 -9.78 -0.73
C16 XWC C . 12.55 -9.17 -2.07
C17 XWC C . 13.21 -8.19 -1.06
C19 XWC C . 21.82 -3.84 -1.30
C22 XWC C . 19.57 -2.70 -0.77
C1 XWC C . 20.14 -5.27 -0.88
C2 XWC C . 18.89 -5.87 -0.58
C3 XWC C . 18.14 -5.56 0.59
C4 XWC C . 16.91 -6.14 0.80
C5 XWC C . 16.49 -7.00 -0.23
N6 XWC C . 17.18 -7.33 -1.33
C7 XWC C . 18.38 -6.77 -1.52
O8 XWC C . 15.27 -7.54 -0.07
C9 XWC C . 16.05 -5.86 1.99
C12 XWC C . 14.73 -8.37 -1.12
C14 XWC C . 14.30 -10.77 -1.60
O15 XWC C . 12.85 -10.45 -1.59
N18 XWC C . 20.46 -3.91 -0.95
N20 XWC C . 22.23 -5.15 -1.46
N21 XWC C . 21.22 -6.04 -1.20
O23 XWC C . 22.48 -2.82 -1.44
C ACT D . 2.55 14.96 -5.65
O ACT D . 1.35 14.66 -5.90
OXT ACT D . 3.25 15.65 -6.44
CH3 ACT D . 3.16 14.48 -4.36
CL CL E . 14.27 8.80 4.29
ZN ZN F . 17.71 5.65 -5.37
NA NA G . -7.18 27.01 3.98
CA CA H . -6.86 3.22 16.62
NA NA I . -22.17 24.30 18.33
#